data_2EPG
#
_entry.id   2EPG
#
_cell.length_a   64.689
_cell.length_b   66.685
_cell.length_c   116.988
_cell.angle_alpha   90.00
_cell.angle_beta   101.21
_cell.angle_gamma   90.00
#
_symmetry.space_group_name_H-M   'P 1 21 1'
#
loop_
_entity.id
_entity.type
_entity.pdbx_description
1 polymer 'Hypothetical protein TTHA1785'
2 water water
#
_entity_poly.entity_id   1
_entity_poly.type   'polypeptide(L)'
_entity_poly.pdbx_seq_one_letter_code
;(MSE)ARTLFLEEGP(MSE)FFEKIAPYTYRIPRQGK(MSE)RVDAVFFASKEILKDLEAENYASLQQL(MSE)NVATLP
GIVEPALA(MSE)PDIHWGYGFPIGGVAAFDPEEGGVVSPGGVGFDINCGVRLLASHLTLEDLLPRQKELADALYRLVPS
GVGSERRDVRFSKRELKEILKEGAGWLVKRGYGYPEDVRFIESQGRLPWANPDKVSERAFERGAPQIGTLGSGNHFLEVQ
YVDEVYDEEAALAFGLFKGQVTVLIHTGSRGLGHQVCQDYVERFLKVAPRYGIELVDKQLAAAPIKSPEGQDYLQA
(MSE)AAAANFAFANRQLIAHFVREAFEKVGFTPRDHGLRVLYDLAHNNAKFEEHRGRRVLVHRKGATRAFGPGHPEVPE
EYRRVGQPVLVPGD(MSE)GRYSYVLAGTEKA(MSE)EVSFGSSCHGAGRK(MSE)SRHQAKKVARERNLVKELAERGIL
VRAATRATVDEE(MSE)PEAYKDVSLVVEAVEGAGIGKKVARLRPLIVVKG
;
_entity_poly.pdbx_strand_id   A,B
#
# COMPACT_ATOMS: atom_id res chain seq x y z
N PHE A 13 8.83 37.07 27.02
CA PHE A 13 8.74 36.89 25.58
C PHE A 13 7.76 35.80 25.16
N PHE A 14 6.86 35.43 26.06
CA PHE A 14 5.83 34.43 25.78
C PHE A 14 4.63 34.54 26.70
N GLU A 15 3.43 34.50 26.13
CA GLU A 15 2.19 34.59 26.91
C GLU A 15 1.48 33.23 26.95
N LYS A 16 0.59 33.06 27.92
CA LYS A 16 -0.17 31.82 28.06
C LYS A 16 -1.48 31.97 27.30
N ILE A 17 -1.77 31.00 26.44
CA ILE A 17 -2.98 31.05 25.64
C ILE A 17 -4.01 29.99 26.04
N ALA A 18 -3.59 29.03 26.83
CA ALA A 18 -4.49 27.98 27.26
C ALA A 18 -3.82 27.17 28.34
N PRO A 19 -4.57 26.31 29.04
CA PRO A 19 -3.91 25.52 30.07
C PRO A 19 -2.70 24.80 29.47
N TYR A 20 -1.60 24.77 30.22
CA TYR A 20 -0.36 24.13 29.78
C TYR A 20 0.11 24.51 28.36
N THR A 21 -0.38 25.62 27.84
CA THR A 21 -0.02 26.06 26.49
C THR A 21 0.51 27.50 26.43
N TYR A 22 1.75 27.67 25.93
CA TYR A 22 2.39 28.99 25.82
C TYR A 22 2.80 29.37 24.40
N ARG A 23 2.69 30.66 24.12
CA ARG A 23 2.99 31.20 22.81
C ARG A 23 4.16 32.19 22.88
N ILE A 24 5.08 32.06 21.92
CA ILE A 24 6.23 32.96 21.79
C ILE A 24 5.86 33.77 20.56
N PRO A 25 5.36 34.99 20.76
CA PRO A 25 5.00 35.75 19.57
C PRO A 25 6.18 36.03 18.63
N ARG A 26 5.88 36.07 17.34
CA ARG A 26 6.89 36.29 16.31
C ARG A 26 7.70 37.56 16.57
N GLN A 27 9.02 37.44 16.58
CA GLN A 27 9.90 38.57 16.78
C GLN A 27 11.25 38.34 16.11
N GLY A 28 11.86 39.43 15.64
CA GLY A 28 13.15 39.32 14.99
C GLY A 28 13.09 38.56 13.67
N LYS A 29 13.92 37.53 13.55
CA LYS A 29 13.99 36.75 12.33
C LYS A 29 12.88 35.69 12.19
N ARG A 31 9.67 33.81 11.40
CA ARG A 31 8.69 33.97 10.31
C ARG A 31 7.28 33.72 10.83
N VAL A 32 7.18 32.98 11.92
CA VAL A 32 5.90 32.64 12.52
C VAL A 32 6.07 32.59 14.03
N ASP A 33 4.94 32.47 14.72
CA ASP A 33 4.94 32.33 16.17
C ASP A 33 5.45 30.91 16.48
N ALA A 34 5.84 30.70 17.72
CA ALA A 34 6.23 29.38 18.19
C ALA A 34 5.24 29.11 19.33
N VAL A 35 4.90 27.85 19.57
CA VAL A 35 4.02 27.51 20.67
C VAL A 35 4.61 26.30 21.37
N PHE A 36 4.63 26.32 22.70
CA PHE A 36 5.15 25.17 23.45
C PHE A 36 4.21 24.79 24.59
N PHE A 37 4.20 23.51 24.93
CA PHE A 37 3.34 23.02 25.99
C PHE A 37 4.18 22.75 27.23
N ALA A 38 3.70 23.21 28.39
CA ALA A 38 4.46 22.99 29.62
C ALA A 38 3.65 23.19 30.89
N SER A 39 4.26 22.81 32.01
CA SER A 39 3.64 22.91 33.33
C SER A 39 4.15 24.15 34.02
N LYS A 40 3.51 24.53 35.13
CA LYS A 40 3.98 25.67 35.89
C LYS A 40 5.33 25.23 36.41
N GLU A 41 5.45 23.94 36.66
CA GLU A 41 6.67 23.35 37.17
C GLU A 41 7.73 23.18 36.08
N ILE A 42 7.29 22.79 34.89
CA ILE A 42 8.23 22.62 33.78
C ILE A 42 8.84 23.96 33.38
N LEU A 43 8.02 25.01 33.41
CA LEU A 43 8.50 26.35 33.06
C LEU A 43 9.64 26.73 33.98
N LYS A 44 9.56 26.30 35.23
CA LYS A 44 10.59 26.60 36.22
C LYS A 44 11.87 25.92 35.79
N ASP A 45 11.73 24.74 35.19
CA ASP A 45 12.88 23.98 34.74
C ASP A 45 13.56 24.67 33.55
N LEU A 46 12.75 25.17 32.62
CA LEU A 46 13.27 25.86 31.44
C LEU A 46 13.90 27.20 31.83
N GLU A 47 13.26 27.88 32.77
CA GLU A 47 13.72 29.18 33.26
C GLU A 47 15.14 29.06 33.85
N ALA A 48 15.38 27.98 34.58
CA ALA A 48 16.68 27.76 35.17
C ALA A 48 17.70 27.44 34.09
N GLU A 49 17.20 27.05 32.92
CA GLU A 49 18.07 26.70 31.79
C GLU A 49 18.32 27.91 30.90
N ASN A 50 17.90 29.08 31.37
CA ASN A 50 18.05 30.32 30.62
C ASN A 50 17.18 30.28 29.36
N TYR A 51 16.31 29.28 29.29
CA TYR A 51 15.39 29.10 28.16
C TYR A 51 16.13 28.74 26.88
N ALA A 52 17.26 28.05 27.02
CA ALA A 52 18.08 27.66 25.88
C ALA A 52 17.30 26.89 24.80
N SER A 53 16.58 25.86 25.22
CA SER A 53 15.83 25.07 24.26
C SER A 53 14.79 25.92 23.53
N LEU A 54 14.25 26.93 24.21
CA LEU A 54 13.27 27.79 23.58
C LEU A 54 13.92 28.67 22.51
N GLN A 55 15.15 29.11 22.76
CA GLN A 55 15.87 29.92 21.79
C GLN A 55 16.03 29.07 20.53
N GLN A 56 16.29 27.77 20.73
CA GLN A 56 16.42 26.85 19.60
C GLN A 56 15.09 26.77 18.87
N LEU A 57 13.99 26.72 19.63
CA LEU A 57 12.66 26.66 19.02
C LEU A 57 12.44 27.94 18.21
N ASN A 59 14.75 29.65 16.74
CA ASN A 59 15.61 29.57 15.55
C ASN A 59 14.88 28.76 14.47
N VAL A 60 14.22 27.70 14.88
CA VAL A 60 13.49 26.84 13.96
C VAL A 60 12.49 27.72 13.19
N ALA A 61 11.83 28.63 13.92
CA ALA A 61 10.84 29.54 13.34
C ALA A 61 11.40 30.52 12.30
N THR A 62 12.73 30.57 12.16
CA THR A 62 13.34 31.47 11.17
C THR A 62 13.47 30.78 9.80
N LEU A 63 13.26 29.48 9.75
CA LEU A 63 13.41 28.71 8.50
C LEU A 63 12.31 28.95 7.45
N PRO A 64 12.69 28.98 6.16
CA PRO A 64 11.79 29.21 5.02
C PRO A 64 10.63 28.23 4.89
N GLY A 65 9.45 28.75 4.58
CA GLY A 65 8.28 27.90 4.40
C GLY A 65 7.76 27.22 5.67
N ILE A 66 8.20 27.68 6.84
CA ILE A 66 7.70 27.04 8.04
C ILE A 66 6.23 27.40 8.19
N VAL A 67 5.44 26.45 8.68
CA VAL A 67 4.00 26.66 8.89
C VAL A 67 3.79 27.02 10.37
N GLU A 68 3.03 28.07 10.62
CA GLU A 68 2.78 28.49 12.00
C GLU A 68 1.91 27.48 12.75
N PRO A 69 2.30 27.12 13.99
CA PRO A 69 3.49 27.63 14.66
C PRO A 69 4.55 26.55 14.79
N ALA A 70 5.78 26.96 15.09
CA ALA A 70 6.85 26.01 15.32
C ALA A 70 6.47 25.53 16.72
N LEU A 71 6.63 24.24 17.00
CA LEU A 71 6.21 23.68 18.30
C LEU A 71 7.24 22.87 19.07
N ALA A 72 6.99 22.78 20.37
CA ALA A 72 7.84 22.01 21.27
C ALA A 72 6.97 21.39 22.36
N PRO A 74 6.23 19.17 26.12
CA PRO A 74 6.61 19.42 27.51
C PRO A 74 7.99 18.92 27.93
N ASP A 75 8.54 17.94 27.22
CA ASP A 75 9.87 17.44 27.59
C ASP A 75 10.98 18.03 26.72
N ILE A 76 10.75 19.22 26.19
CA ILE A 76 11.72 19.89 25.34
C ILE A 76 13.05 20.15 26.03
N HIS A 77 14.13 20.02 25.27
CA HIS A 77 15.48 20.29 25.75
C HIS A 77 16.49 20.48 24.62
N TRP A 78 17.69 20.95 25.00
CA TRP A 78 18.77 21.22 24.04
C TRP A 78 19.00 20.07 23.05
N GLY A 79 19.12 20.43 21.79
CA GLY A 79 19.36 19.43 20.75
C GLY A 79 20.26 19.97 19.65
N TYR A 80 20.40 19.20 18.58
CA TYR A 80 21.21 19.60 17.44
C TYR A 80 20.39 20.48 16.50
N GLY A 81 20.58 21.80 16.57
CA GLY A 81 19.82 22.70 15.72
C GLY A 81 18.40 22.85 16.24
N PHE A 82 17.56 21.86 15.94
CA PHE A 82 16.17 21.87 16.43
C PHE A 82 16.20 21.35 17.84
N PRO A 83 15.25 21.79 18.70
CA PRO A 83 15.27 21.27 20.07
C PRO A 83 14.68 19.86 20.10
N ILE A 84 15.05 19.08 21.10
CA ILE A 84 14.48 17.75 21.24
C ILE A 84 13.10 18.01 21.80
N GLY A 85 12.09 17.34 21.26
CA GLY A 85 10.73 17.55 21.67
C GLY A 85 10.06 18.50 20.68
N GLY A 86 10.75 18.82 19.58
CA GLY A 86 10.19 19.75 18.61
C GLY A 86 9.37 19.16 17.47
N VAL A 87 8.42 19.96 16.99
CA VAL A 87 7.57 19.60 15.86
C VAL A 87 7.57 20.83 14.98
N ALA A 88 7.89 20.65 13.69
CA ALA A 88 7.92 21.78 12.76
C ALA A 88 7.46 21.35 11.39
N ALA A 89 6.38 21.95 10.92
CA ALA A 89 5.81 21.62 9.62
C ALA A 89 6.31 22.63 8.59
N PHE A 90 6.64 22.14 7.40
CA PHE A 90 7.14 22.97 6.31
C PHE A 90 6.34 22.72 5.02
N ASP A 91 5.91 23.80 4.37
CA ASP A 91 5.12 23.68 3.14
C ASP A 91 5.97 23.75 1.88
N PRO A 92 6.05 22.64 1.13
CA PRO A 92 6.83 22.58 -0.11
C PRO A 92 6.45 23.67 -1.11
N GLU A 93 5.15 23.96 -1.18
CA GLU A 93 4.64 24.96 -2.11
C GLU A 93 5.00 26.38 -1.71
N GLU A 94 5.50 26.55 -0.50
CA GLU A 94 5.88 27.86 0.01
C GLU A 94 7.40 27.95 0.12
N GLY A 95 8.09 27.06 -0.59
CA GLY A 95 9.55 27.06 -0.53
C GLY A 95 10.09 26.46 0.76
N GLY A 96 9.33 25.54 1.33
CA GLY A 96 9.73 24.91 2.58
C GLY A 96 11.02 24.10 2.49
N VAL A 97 11.66 23.91 3.63
CA VAL A 97 12.92 23.17 3.67
C VAL A 97 12.81 21.90 4.49
N VAL A 98 13.81 21.04 4.37
CA VAL A 98 13.88 19.81 5.14
C VAL A 98 15.24 19.86 5.84
N SER A 99 15.25 19.57 7.15
CA SER A 99 16.50 19.61 7.90
C SER A 99 16.81 18.36 8.69
N PRO A 100 17.96 17.71 8.39
CA PRO A 100 18.34 16.48 9.10
C PRO A 100 18.35 16.71 10.62
N GLY A 101 18.73 17.92 11.02
CA GLY A 101 18.77 18.23 12.44
C GLY A 101 17.37 18.27 13.03
N GLY A 102 16.37 18.40 12.15
CA GLY A 102 14.99 18.46 12.60
C GLY A 102 14.40 17.08 12.82
N VAL A 103 15.15 16.06 12.41
CA VAL A 103 14.71 14.68 12.57
C VAL A 103 15.55 14.03 13.67
N GLY A 104 16.83 14.36 13.71
CA GLY A 104 17.71 13.78 14.71
C GLY A 104 18.54 12.68 14.06
N PHE A 105 19.67 12.36 14.67
CA PHE A 105 20.53 11.35 14.08
C PHE A 105 19.95 9.96 14.02
N ASP A 106 19.29 9.50 15.08
CA ASP A 106 18.72 8.17 15.01
C ASP A 106 17.34 8.20 14.34
N ILE A 107 17.35 8.18 13.02
CA ILE A 107 16.14 8.22 12.22
C ILE A 107 15.23 7.06 12.56
N ASN A 108 13.98 7.42 12.87
CA ASN A 108 12.94 6.49 13.27
C ASN A 108 13.30 5.66 14.47
N CYS A 109 14.06 6.25 15.39
CA CYS A 109 14.33 5.60 16.66
C CYS A 109 12.86 5.61 17.09
N GLY A 110 12.35 4.48 17.57
CA GLY A 110 10.96 4.48 17.94
C GLY A 110 10.59 3.42 18.95
N VAL A 111 9.29 3.14 19.06
CA VAL A 111 8.81 2.19 20.03
C VAL A 111 7.75 1.24 19.50
N ARG A 112 7.85 -0.03 19.89
CA ARG A 112 6.84 -0.99 19.53
C ARG A 112 6.35 -1.60 20.85
N LEU A 113 5.04 -1.73 20.99
CA LEU A 113 4.48 -2.34 22.19
C LEU A 113 3.68 -3.57 21.80
N LEU A 114 4.06 -4.72 22.36
CA LEU A 114 3.34 -5.96 22.14
C LEU A 114 2.44 -6.15 23.37
N ALA A 115 1.22 -6.64 23.14
CA ALA A 115 0.27 -6.89 24.21
C ALA A 115 -0.07 -8.38 24.18
N SER A 116 0.02 -9.05 25.33
CA SER A 116 -0.25 -10.50 25.36
C SER A 116 -1.52 -10.89 26.11
N HIS A 117 -1.84 -12.18 26.08
CA HIS A 117 -3.00 -12.73 26.79
C HIS A 117 -2.61 -13.10 28.22
N LEU A 118 -1.32 -13.02 28.53
CA LEU A 118 -0.83 -13.39 29.86
C LEU A 118 -0.98 -12.33 30.94
N THR A 119 -1.13 -12.78 32.17
CA THR A 119 -1.27 -11.87 33.29
C THR A 119 -0.01 -12.01 34.10
N LEU A 120 0.24 -11.04 34.97
CA LEU A 120 1.43 -11.07 35.81
C LEU A 120 1.61 -12.43 36.49
N GLU A 121 0.53 -12.95 37.08
CA GLU A 121 0.55 -14.22 37.79
C GLU A 121 1.09 -15.36 36.93
N ASP A 122 0.77 -15.33 35.64
CA ASP A 122 1.21 -16.37 34.71
C ASP A 122 2.67 -16.28 34.36
N LEU A 123 3.21 -15.07 34.41
CA LEU A 123 4.59 -14.83 34.02
C LEU A 123 5.67 -14.97 35.09
N LEU A 124 5.42 -14.38 36.24
CA LEU A 124 6.35 -14.37 37.35
C LEU A 124 7.10 -15.67 37.60
N PRO A 125 6.40 -16.81 37.65
CA PRO A 125 7.14 -18.05 37.91
C PRO A 125 8.17 -18.47 36.84
N ARG A 126 8.13 -17.84 35.67
CA ARG A 126 9.08 -18.15 34.60
C ARG A 126 9.91 -16.93 34.22
N GLN A 127 9.88 -15.93 35.10
CA GLN A 127 10.59 -14.68 34.89
C GLN A 127 12.07 -14.87 34.53
N LYS A 128 12.73 -15.77 35.23
CA LYS A 128 14.14 -16.03 34.99
C LYS A 128 14.34 -16.70 33.63
N GLU A 129 13.58 -17.76 33.37
CA GLU A 129 13.68 -18.47 32.09
C GLU A 129 13.50 -17.50 30.91
N LEU A 130 12.52 -16.62 31.00
CA LEU A 130 12.23 -15.66 29.93
C LEU A 130 13.37 -14.67 29.76
N ALA A 131 13.85 -14.09 30.86
CA ALA A 131 14.94 -13.14 30.79
C ALA A 131 16.10 -13.78 30.02
N ASP A 132 16.48 -14.99 30.42
CA ASP A 132 17.57 -15.72 29.77
C ASP A 132 17.28 -15.99 28.30
N ALA A 133 16.04 -16.36 27.99
CA ALA A 133 15.69 -16.64 26.61
C ALA A 133 15.73 -15.36 25.78
N LEU A 134 15.30 -14.23 26.36
CA LEU A 134 15.30 -12.96 25.64
C LEU A 134 16.72 -12.48 25.34
N TYR A 135 17.60 -12.63 26.33
CA TYR A 135 18.99 -12.22 26.18
C TYR A 135 19.71 -13.08 25.14
N ARG A 136 19.28 -14.32 25.01
CA ARG A 136 19.88 -15.25 24.07
C ARG A 136 19.31 -15.13 22.65
N LEU A 137 17.99 -14.98 22.54
CA LEU A 137 17.34 -14.87 21.24
C LEU A 137 17.33 -13.47 20.63
N VAL A 138 17.68 -12.46 21.43
CA VAL A 138 17.73 -11.11 20.90
C VAL A 138 19.17 -10.59 20.92
N PRO A 139 19.83 -10.59 19.75
CA PRO A 139 21.21 -10.15 19.53
C PRO A 139 21.65 -8.89 20.29
N SER A 140 22.95 -8.82 20.53
CA SER A 140 23.57 -7.69 21.22
C SER A 140 24.71 -7.14 20.38
N ARG A 147 20.29 -14.75 16.71
CA ARG A 147 21.75 -14.81 16.61
C ARG A 147 22.22 -15.11 15.20
N ASP A 148 21.75 -16.22 14.63
CA ASP A 148 22.15 -16.59 13.29
C ASP A 148 21.00 -16.54 12.28
N VAL A 149 20.69 -15.31 11.88
CA VAL A 149 19.65 -15.00 10.91
C VAL A 149 20.32 -13.93 10.07
N ARG A 150 20.45 -14.16 8.77
CA ARG A 150 21.12 -13.18 7.93
C ARG A 150 20.45 -12.99 6.58
N PHE A 151 20.56 -11.79 6.05
CA PHE A 151 19.96 -11.44 4.77
C PHE A 151 21.04 -11.00 3.77
N SER A 152 20.76 -11.17 2.48
CA SER A 152 21.70 -10.77 1.45
C SER A 152 21.57 -9.26 1.25
N LYS A 153 22.54 -8.65 0.59
CA LYS A 153 22.51 -7.22 0.34
C LYS A 153 21.30 -6.85 -0.51
N ARG A 154 20.90 -7.75 -1.41
CA ARG A 154 19.74 -7.46 -2.23
C ARG A 154 18.49 -7.50 -1.35
N GLU A 155 18.48 -8.39 -0.37
CA GLU A 155 17.36 -8.52 0.52
C GLU A 155 17.24 -7.31 1.43
N LEU A 156 18.34 -6.90 2.04
CA LEU A 156 18.23 -5.77 2.93
C LEU A 156 17.96 -4.51 2.12
N LYS A 157 18.24 -4.57 0.82
CA LYS A 157 18.01 -3.46 -0.10
C LYS A 157 16.48 -3.36 -0.30
N GLU A 158 15.85 -4.50 -0.46
CA GLU A 158 14.40 -4.54 -0.61
C GLU A 158 13.77 -4.10 0.72
N ILE A 159 14.41 -4.47 1.83
CA ILE A 159 13.90 -4.08 3.15
C ILE A 159 13.86 -2.57 3.28
N LEU A 160 14.91 -1.89 2.80
CA LEU A 160 14.94 -0.44 2.90
C LEU A 160 13.80 0.22 2.15
N LYS A 161 13.29 -0.45 1.11
CA LYS A 161 12.22 0.10 0.31
C LYS A 161 10.83 -0.29 0.77
N GLU A 162 10.70 -1.54 1.21
CA GLU A 162 9.41 -2.08 1.60
C GLU A 162 9.05 -1.99 3.08
N GLY A 163 10.05 -1.90 3.95
CA GLY A 163 9.74 -1.80 5.38
C GLY A 163 9.46 -3.10 6.10
N ALA A 164 8.77 -3.00 7.24
CA ALA A 164 8.46 -4.16 8.07
C ALA A 164 7.68 -5.24 7.34
N GLY A 165 6.82 -4.83 6.42
CA GLY A 165 6.03 -5.78 5.65
C GLY A 165 6.86 -6.83 4.91
N TRP A 166 8.06 -6.47 4.45
CA TRP A 166 8.92 -7.42 3.73
C TRP A 166 9.19 -8.62 4.62
N LEU A 167 9.56 -8.35 5.87
CA LEU A 167 9.86 -9.38 6.84
C LEU A 167 8.62 -10.21 7.21
N VAL A 168 7.48 -9.55 7.40
CA VAL A 168 6.26 -10.26 7.74
C VAL A 168 5.87 -11.25 6.64
N LYS A 169 5.93 -10.80 5.39
CA LYS A 169 5.60 -11.66 4.26
C LYS A 169 6.53 -12.85 4.13
N ARG A 170 7.70 -12.81 4.77
CA ARG A 170 8.62 -13.96 4.70
C ARG A 170 8.61 -14.77 5.99
N GLY A 171 7.59 -14.58 6.80
CA GLY A 171 7.50 -15.37 8.04
C GLY A 171 8.02 -14.77 9.32
N TYR A 172 8.62 -13.59 9.28
CA TYR A 172 9.15 -13.00 10.52
C TYR A 172 8.11 -12.12 11.23
N GLY A 173 6.93 -12.70 11.48
CA GLY A 173 5.88 -11.97 12.14
C GLY A 173 4.52 -12.60 11.83
N TYR A 174 3.45 -11.98 12.33
CA TYR A 174 2.10 -12.46 12.05
C TYR A 174 1.61 -11.55 10.93
N PRO A 175 0.72 -12.06 10.05
CA PRO A 175 0.17 -11.30 8.92
C PRO A 175 -0.39 -9.94 9.33
N GLU A 176 -1.10 -9.91 10.46
CA GLU A 176 -1.70 -8.67 10.93
C GLU A 176 -0.73 -7.65 11.56
N ASP A 177 0.52 -8.03 11.81
CA ASP A 177 1.45 -7.10 12.45
C ASP A 177 1.52 -5.72 11.80
N VAL A 178 1.58 -5.69 10.48
CA VAL A 178 1.69 -4.48 9.70
C VAL A 178 0.59 -3.45 9.91
N ARG A 179 -0.63 -3.93 10.18
CA ARG A 179 -1.79 -3.06 10.40
C ARG A 179 -1.60 -2.13 11.58
N PHE A 180 -0.78 -2.53 12.54
CA PHE A 180 -0.59 -1.71 13.73
C PHE A 180 0.76 -1.00 13.84
N ILE A 181 1.34 -0.72 12.69
CA ILE A 181 2.58 0.02 12.64
C ILE A 181 2.20 1.32 11.97
N GLU A 182 2.78 2.43 12.44
CA GLU A 182 2.54 3.73 11.84
C GLU A 182 2.93 3.59 10.36
N SER A 183 2.10 4.11 9.47
CA SER A 183 2.34 4.05 8.01
C SER A 183 2.57 2.63 7.54
N GLN A 184 1.99 1.67 8.27
CA GLN A 184 2.16 0.26 7.97
C GLN A 184 3.63 -0.15 7.89
N GLY A 185 4.48 0.58 8.62
CA GLY A 185 5.89 0.27 8.65
C GLY A 185 6.63 0.53 7.35
N ARG A 186 6.12 1.48 6.55
CA ARG A 186 6.73 1.81 5.26
C ARG A 186 6.57 3.26 4.87
N LEU A 187 7.68 4.00 4.81
CA LEU A 187 7.56 5.38 4.35
C LEU A 187 7.61 5.20 2.84
N PRO A 188 6.71 5.86 2.10
CA PRO A 188 6.62 5.75 0.64
C PRO A 188 7.78 6.24 -0.24
N TRP A 189 8.64 7.12 0.25
CA TRP A 189 9.68 7.62 -0.63
C TRP A 189 11.06 6.96 -0.59
N ALA A 190 11.23 5.96 0.27
CA ALA A 190 12.52 5.29 0.39
C ALA A 190 13.17 4.96 -0.94
N ASN A 191 14.48 5.20 -1.02
CA ASN A 191 15.28 4.90 -2.20
C ASN A 191 16.66 4.49 -1.69
N PRO A 192 16.97 3.20 -1.70
CA PRO A 192 18.30 2.80 -1.21
C PRO A 192 19.45 3.44 -1.98
N ASP A 193 19.22 3.85 -3.22
CA ASP A 193 20.29 4.47 -4.02
C ASP A 193 20.84 5.74 -3.39
N LYS A 194 20.02 6.41 -2.60
CA LYS A 194 20.41 7.65 -1.93
C LYS A 194 21.07 7.40 -0.58
N VAL A 195 21.13 6.13 -0.19
CA VAL A 195 21.77 5.75 1.08
C VAL A 195 23.23 5.42 0.76
N SER A 196 24.16 6.06 1.44
CA SER A 196 25.59 5.85 1.18
C SER A 196 26.03 4.43 1.48
N GLU A 197 27.11 4.01 0.84
CA GLU A 197 27.64 2.67 1.03
C GLU A 197 27.95 2.48 2.49
N ARG A 198 28.56 3.50 3.08
CA ARG A 198 28.94 3.47 4.48
C ARG A 198 27.72 3.24 5.39
N ALA A 199 26.62 3.96 5.13
CA ALA A 199 25.42 3.79 5.94
C ALA A 199 24.87 2.40 5.75
N PHE A 200 24.83 1.95 4.50
CA PHE A 200 24.30 0.64 4.19
C PHE A 200 25.02 -0.51 4.90
N GLU A 201 26.35 -0.55 4.78
CA GLU A 201 27.15 -1.60 5.41
C GLU A 201 27.18 -1.46 6.94
N ARG A 202 27.12 -0.23 7.42
CA ARG A 202 27.17 0.03 8.85
C ARG A 202 25.94 -0.47 9.60
N GLY A 203 24.78 -0.40 8.96
CA GLY A 203 23.55 -0.84 9.61
C GLY A 203 23.05 -2.20 9.15
N ALA A 204 23.46 -2.64 7.96
CA ALA A 204 23.02 -3.92 7.41
C ALA A 204 23.18 -5.13 8.35
N PRO A 205 24.36 -5.30 8.95
CA PRO A 205 24.53 -6.45 9.85
C PRO A 205 23.97 -6.19 11.24
N GLN A 206 23.32 -5.05 11.44
CA GLN A 206 22.75 -4.71 12.74
C GLN A 206 21.27 -5.01 12.82
N ILE A 207 20.65 -5.37 11.70
CA ILE A 207 19.22 -5.65 11.72
C ILE A 207 18.91 -6.72 12.74
N GLY A 208 17.88 -6.48 13.56
CA GLY A 208 17.51 -7.45 14.56
C GLY A 208 18.24 -7.26 15.88
N THR A 209 18.82 -6.09 16.10
CA THR A 209 19.55 -5.82 17.35
C THR A 209 19.07 -4.52 17.94
N LEU A 210 19.17 -4.41 19.26
CA LEU A 210 18.72 -3.23 19.99
C LEU A 210 19.66 -2.05 19.87
N GLY A 211 20.96 -2.31 19.93
CA GLY A 211 21.93 -1.24 19.86
C GLY A 211 22.29 -0.82 21.27
N SER A 212 23.09 0.23 21.40
CA SER A 212 23.49 0.69 22.72
C SER A 212 22.81 2.00 23.07
N GLY A 213 23.31 2.64 24.12
CA GLY A 213 22.73 3.90 24.53
C GLY A 213 21.44 3.60 25.27
N ASN A 214 20.42 4.41 25.02
CA ASN A 214 19.14 4.22 25.66
C ASN A 214 18.17 3.28 24.94
N HIS A 215 18.70 2.26 24.27
CA HIS A 215 17.85 1.31 23.57
C HIS A 215 17.71 0.05 24.43
N PHE A 216 16.52 -0.53 24.44
CA PHE A 216 16.27 -1.71 25.24
C PHE A 216 14.94 -2.33 24.88
N LEU A 217 14.65 -3.42 25.58
CA LEU A 217 13.42 -4.13 25.40
C LEU A 217 13.00 -4.47 26.82
N GLU A 218 11.73 -4.32 27.16
CA GLU A 218 11.32 -4.70 28.49
C GLU A 218 9.97 -5.39 28.55
N VAL A 219 9.90 -6.41 29.40
CA VAL A 219 8.68 -7.16 29.64
C VAL A 219 8.08 -6.40 30.83
N GLN A 220 6.82 -6.02 30.71
CA GLN A 220 6.17 -5.22 31.76
C GLN A 220 4.75 -5.74 31.99
N TYR A 221 4.07 -5.09 32.91
CA TYR A 221 2.68 -5.44 33.16
C TYR A 221 1.93 -4.12 33.32
N VAL A 222 0.66 -4.12 32.93
CA VAL A 222 -0.15 -2.91 33.04
C VAL A 222 -0.50 -2.79 34.52
N ASP A 223 -0.10 -1.70 35.18
CA ASP A 223 -0.44 -1.60 36.60
C ASP A 223 -1.55 -0.58 36.88
N GLU A 224 -1.97 0.15 35.85
CA GLU A 224 -3.03 1.13 36.02
C GLU A 224 -3.74 1.42 34.70
N VAL A 225 -5.06 1.52 34.75
CA VAL A 225 -5.84 1.83 33.57
C VAL A 225 -6.61 3.12 33.86
N TYR A 226 -6.43 4.12 33.00
CA TYR A 226 -7.06 5.43 33.16
C TYR A 226 -8.29 5.66 32.30
N ASP A 227 -8.30 5.11 31.10
CA ASP A 227 -9.45 5.29 30.22
C ASP A 227 -9.92 3.90 29.84
N GLU A 228 -11.04 3.51 30.43
CA GLU A 228 -11.60 2.19 30.19
C GLU A 228 -11.98 1.96 28.74
N GLU A 229 -12.55 2.98 28.11
CA GLU A 229 -12.97 2.85 26.71
C GLU A 229 -11.77 2.67 25.75
N ALA A 230 -10.74 3.50 25.91
CA ALA A 230 -9.57 3.40 25.05
C ALA A 230 -8.80 2.11 25.36
N ALA A 231 -8.74 1.74 26.63
CA ALA A 231 -8.01 0.53 27.01
C ALA A 231 -8.67 -0.68 26.35
N LEU A 232 -9.99 -0.75 26.41
CA LEU A 232 -10.73 -1.85 25.80
C LEU A 232 -10.44 -1.88 24.30
N ALA A 233 -10.54 -0.72 23.66
CA ALA A 233 -10.26 -0.62 22.24
C ALA A 233 -8.83 -1.04 21.90
N PHE A 234 -7.86 -0.69 22.75
CA PHE A 234 -6.45 -1.04 22.50
C PHE A 234 -6.14 -2.45 22.99
N GLY A 235 -7.10 -3.11 23.63
CA GLY A 235 -6.86 -4.45 24.12
C GLY A 235 -5.94 -4.48 25.34
N LEU A 236 -6.07 -3.49 26.21
CA LEU A 236 -5.26 -3.41 27.42
C LEU A 236 -6.10 -3.69 28.68
N PHE A 237 -5.50 -4.36 29.66
CA PHE A 237 -6.18 -4.62 30.93
C PHE A 237 -5.14 -4.72 32.06
N LYS A 238 -5.55 -4.35 33.26
CA LYS A 238 -4.64 -4.35 34.41
C LYS A 238 -4.12 -5.75 34.69
N GLY A 239 -2.83 -5.84 34.97
CA GLY A 239 -2.23 -7.14 35.23
C GLY A 239 -1.74 -7.79 33.95
N GLN A 240 -2.11 -7.23 32.82
CA GLN A 240 -1.70 -7.78 31.53
C GLN A 240 -0.20 -7.59 31.25
N VAL A 241 0.42 -8.63 30.69
CA VAL A 241 1.85 -8.62 30.36
C VAL A 241 2.09 -7.94 28.99
N THR A 242 3.04 -7.01 28.93
CA THR A 242 3.37 -6.36 27.67
C THR A 242 4.88 -6.37 27.48
N VAL A 243 5.30 -6.09 26.26
CA VAL A 243 6.71 -6.03 25.94
C VAL A 243 6.94 -4.75 25.11
N LEU A 244 7.79 -3.87 25.60
CA LEU A 244 8.08 -2.62 24.91
C LEU A 244 9.49 -2.67 24.31
N ILE A 245 9.56 -2.45 23.00
CA ILE A 245 10.82 -2.46 22.25
C ILE A 245 11.19 -1.03 21.83
N HIS A 246 12.35 -0.58 22.27
CA HIS A 246 12.84 0.77 22.00
C HIS A 246 14.15 0.69 21.25
N THR A 247 14.12 1.05 19.97
CA THR A 247 15.31 1.04 19.14
C THR A 247 15.00 1.71 17.78
N GLY A 248 16.06 1.95 17.00
CA GLY A 248 15.88 2.62 15.73
C GLY A 248 16.57 2.05 14.50
N SER A 249 17.12 2.96 13.67
CA SER A 249 17.80 2.55 12.44
C SER A 249 19.27 2.18 12.67
N ARG A 250 19.66 2.17 13.94
CA ARG A 250 21.02 1.80 14.31
C ARG A 250 22.09 2.65 13.62
N GLY A 251 23.15 2.03 13.10
CA GLY A 251 24.19 2.85 12.48
C GLY A 251 23.81 3.46 11.13
N LEU A 252 22.88 2.82 10.44
CA LEU A 252 22.45 3.27 9.13
C LEU A 252 21.81 4.66 9.15
N GLY A 253 20.87 4.86 10.09
CA GLY A 253 20.21 6.15 10.17
C GLY A 253 21.13 7.26 10.62
N HIS A 254 22.00 6.94 11.57
CA HIS A 254 22.94 7.91 12.08
C HIS A 254 23.84 8.40 10.93
N GLN A 255 24.35 7.45 10.13
CA GLN A 255 25.23 7.79 9.02
C GLN A 255 24.50 8.65 7.98
N VAL A 256 23.27 8.28 7.64
CA VAL A 256 22.48 9.04 6.68
C VAL A 256 22.32 10.49 7.14
N CYS A 257 22.16 10.70 8.43
CA CYS A 257 22.01 12.06 8.95
C CYS A 257 23.32 12.81 8.73
N GLN A 258 24.42 12.16 9.07
CA GLN A 258 25.75 12.75 8.93
C GLN A 258 26.08 13.07 7.47
N ASP A 259 25.82 12.12 6.59
CA ASP A 259 26.08 12.29 5.16
C ASP A 259 25.37 13.51 4.60
N TYR A 260 24.11 13.70 4.97
CA TYR A 260 23.35 14.83 4.45
C TYR A 260 23.53 16.17 5.14
N VAL A 261 23.84 16.18 6.42
CA VAL A 261 24.06 17.45 7.09
C VAL A 261 25.23 18.12 6.36
N GLU A 262 26.34 17.39 6.20
CA GLU A 262 27.50 17.96 5.53
C GLU A 262 27.23 18.25 4.06
N ARG A 263 26.43 17.42 3.41
CA ARG A 263 26.12 17.68 2.02
C ARG A 263 25.26 18.95 1.95
N PHE A 264 24.36 19.13 2.92
CA PHE A 264 23.50 20.33 2.98
C PHE A 264 24.26 21.59 3.33
N LEU A 265 25.34 21.44 4.08
CA LEU A 265 26.13 22.60 4.46
C LEU A 265 26.90 23.10 3.24
N LYS A 266 27.46 22.17 2.47
CA LYS A 266 28.25 22.51 1.30
C LYS A 266 27.44 22.79 0.03
N VAL A 267 26.20 23.24 0.19
CA VAL A 267 25.36 23.55 -0.95
C VAL A 267 24.36 24.60 -0.54
N ALA A 268 24.40 24.99 0.74
CA ALA A 268 23.50 25.99 1.29
C ALA A 268 23.59 27.38 0.64
N PRO A 269 24.73 27.70 -0.01
CA PRO A 269 24.88 29.00 -0.66
C PRO A 269 23.91 29.14 -1.82
N ARG A 270 23.97 28.17 -2.72
CA ARG A 270 23.12 28.13 -3.90
C ARG A 270 21.68 28.52 -3.59
N TYR A 271 21.14 28.02 -2.49
CA TYR A 271 19.75 28.26 -2.12
C TYR A 271 19.42 29.51 -1.34
N GLY A 272 20.43 30.18 -0.80
CA GLY A 272 20.19 31.40 -0.06
C GLY A 272 19.42 31.22 1.24
N ILE A 273 19.59 30.07 1.89
CA ILE A 273 18.91 29.80 3.16
C ILE A 273 19.80 30.29 4.30
N GLU A 274 19.35 31.33 5.00
CA GLU A 274 20.11 31.88 6.11
C GLU A 274 19.92 31.05 7.38
N LEU A 275 21.03 30.58 7.95
CA LEU A 275 21.00 29.75 9.16
C LEU A 275 21.59 30.50 10.37
N VAL A 276 20.76 30.84 11.35
CA VAL A 276 21.25 31.53 12.54
C VAL A 276 22.12 30.59 13.37
N ASP A 277 21.95 29.29 13.12
CA ASP A 277 22.69 28.25 13.80
C ASP A 277 23.04 27.23 12.71
N LYS A 278 24.32 26.96 12.52
CA LYS A 278 24.76 26.02 11.48
C LYS A 278 24.17 24.63 11.65
N GLN A 279 23.80 24.28 12.87
CA GLN A 279 23.23 22.96 13.15
C GLN A 279 21.81 22.85 12.60
N LEU A 280 21.28 23.98 12.11
CA LEU A 280 19.95 24.05 11.54
C LEU A 280 20.02 23.76 10.03
N ALA A 281 21.20 23.30 9.59
CA ALA A 281 21.46 23.00 8.19
C ALA A 281 20.24 22.38 7.49
N ALA A 282 19.73 23.06 6.46
CA ALA A 282 18.55 22.59 5.74
C ALA A 282 18.67 22.85 4.23
N ALA A 283 17.79 22.21 3.46
CA ALA A 283 17.77 22.37 2.01
C ALA A 283 16.32 22.39 1.56
N PRO A 284 16.03 23.05 0.43
CA PRO A 284 14.66 23.08 -0.05
C PRO A 284 14.16 21.67 -0.24
N ILE A 285 12.94 21.42 0.22
CA ILE A 285 12.31 20.13 0.07
C ILE A 285 12.30 19.76 -1.42
N LYS A 286 12.06 20.73 -2.30
CA LYS A 286 12.02 20.45 -3.74
C LYS A 286 13.35 20.44 -4.49
N SER A 287 14.46 20.61 -3.78
CA SER A 287 15.79 20.61 -4.39
C SER A 287 16.31 19.18 -4.49
N PRO A 288 17.29 18.94 -5.38
CA PRO A 288 17.86 17.60 -5.53
C PRO A 288 18.36 17.06 -4.19
N GLU A 289 19.11 17.89 -3.46
CA GLU A 289 19.64 17.48 -2.18
C GLU A 289 18.55 17.21 -1.14
N GLY A 290 17.51 18.04 -1.16
CA GLY A 290 16.41 17.86 -0.24
C GLY A 290 15.72 16.56 -0.54
N GLN A 291 15.39 16.36 -1.82
CA GLN A 291 14.73 15.14 -2.27
C GLN A 291 15.55 13.90 -1.95
N ASP A 292 16.87 13.97 -2.11
CA ASP A 292 17.72 12.82 -1.85
C ASP A 292 17.71 12.42 -0.38
N TYR A 293 17.82 13.41 0.51
CA TYR A 293 17.83 13.14 1.94
C TYR A 293 16.50 12.51 2.36
N LEU A 294 15.41 13.05 1.82
CA LEU A 294 14.09 12.54 2.17
C LEU A 294 13.99 11.08 1.75
N GLN A 295 14.53 10.75 0.57
CA GLN A 295 14.48 9.37 0.10
C GLN A 295 15.35 8.45 0.93
N ALA A 296 16.51 8.94 1.34
CA ALA A 296 17.45 8.16 2.16
C ALA A 296 16.93 8.04 3.61
N ALA A 298 13.79 8.04 4.46
CA ALA A 298 12.70 7.09 4.40
C ALA A 298 13.24 5.67 4.41
N ALA A 299 14.36 5.46 3.73
CA ALA A 299 14.97 4.13 3.66
C ALA A 299 15.46 3.76 5.07
N ALA A 300 16.05 4.73 5.76
CA ALA A 300 16.53 4.48 7.10
C ALA A 300 15.33 4.17 8.01
N ALA A 301 14.24 4.92 7.85
CA ALA A 301 13.06 4.68 8.66
C ALA A 301 12.50 3.26 8.43
N ASN A 302 12.46 2.83 7.18
CA ASN A 302 11.94 1.51 6.85
C ASN A 302 12.82 0.44 7.47
N PHE A 303 14.11 0.72 7.57
CA PHE A 303 15.05 -0.21 8.16
C PHE A 303 14.74 -0.31 9.65
N ALA A 304 14.49 0.84 10.28
CA ALA A 304 14.17 0.85 11.70
C ALA A 304 12.84 0.11 11.93
N PHE A 305 11.87 0.30 11.04
CA PHE A 305 10.61 -0.42 11.20
C PHE A 305 10.86 -1.93 11.17
N ALA A 306 11.70 -2.37 10.23
CA ALA A 306 12.02 -3.79 10.05
C ALA A 306 12.77 -4.34 11.24
N ASN A 307 13.66 -3.52 11.77
CA ASN A 307 14.44 -3.92 12.92
C ASN A 307 13.53 -4.26 14.12
N ARG A 308 12.53 -3.41 14.36
CA ARG A 308 11.63 -3.64 15.48
C ARG A 308 10.76 -4.86 15.17
N GLN A 309 10.37 -5.02 13.90
CA GLN A 309 9.56 -6.15 13.51
C GLN A 309 10.35 -7.44 13.79
N LEU A 310 11.64 -7.46 13.45
CA LEU A 310 12.46 -8.65 13.65
C LEU A 310 12.60 -8.96 15.12
N ILE A 311 12.85 -7.93 15.92
CA ILE A 311 12.99 -8.13 17.35
C ILE A 311 11.70 -8.71 17.93
N ALA A 312 10.56 -8.22 17.45
CA ALA A 312 9.28 -8.72 17.93
C ALA A 312 9.16 -10.20 17.61
N HIS A 313 9.65 -10.62 16.45
CA HIS A 313 9.60 -12.02 16.06
C HIS A 313 10.41 -12.85 17.07
N PHE A 314 11.60 -12.37 17.41
CA PHE A 314 12.45 -13.05 18.37
C PHE A 314 11.83 -13.05 19.76
N VAL A 315 11.08 -12.01 20.11
CA VAL A 315 10.46 -11.96 21.41
C VAL A 315 9.45 -13.09 21.49
N ARG A 316 8.66 -13.25 20.44
CA ARG A 316 7.69 -14.33 20.43
C ARG A 316 8.44 -15.65 20.59
N GLU A 317 9.59 -15.81 19.92
CA GLU A 317 10.36 -17.05 20.02
C GLU A 317 10.85 -17.29 21.44
N ALA A 318 11.17 -16.22 22.16
CA ALA A 318 11.63 -16.37 23.52
C ALA A 318 10.49 -16.83 24.44
N PHE A 319 9.28 -16.30 24.26
CA PHE A 319 8.18 -16.72 25.12
C PHE A 319 7.89 -18.19 24.91
N GLU A 320 7.85 -18.60 23.64
CA GLU A 320 7.60 -19.98 23.29
C GLU A 320 8.70 -20.93 23.80
N LYS A 321 9.95 -20.49 23.72
CA LYS A 321 11.08 -21.30 24.16
C LYS A 321 10.93 -21.67 25.66
N VAL A 322 10.33 -20.78 26.44
CA VAL A 322 10.16 -21.06 27.87
C VAL A 322 8.82 -21.69 28.24
N GLY A 323 8.06 -22.12 27.24
CA GLY A 323 6.81 -22.77 27.54
C GLY A 323 5.48 -22.13 27.18
N PHE A 324 5.47 -20.86 26.82
CA PHE A 324 4.22 -20.21 26.45
C PHE A 324 3.98 -20.41 24.97
N THR A 325 2.93 -21.19 24.64
CA THR A 325 2.60 -21.44 23.24
C THR A 325 2.03 -20.18 22.61
N PRO A 326 1.95 -20.14 21.27
CA PRO A 326 1.40 -18.97 20.59
C PRO A 326 0.02 -18.61 21.11
N ARG A 327 -0.79 -19.62 21.42
CA ARG A 327 -2.13 -19.31 21.92
C ARG A 327 -2.09 -18.91 23.38
N ASP A 328 -1.03 -19.26 24.09
CA ASP A 328 -0.89 -18.87 25.49
C ASP A 328 -0.51 -17.40 25.55
N HIS A 329 0.58 -17.04 24.86
CA HIS A 329 1.04 -15.66 24.93
C HIS A 329 0.29 -14.67 24.08
N GLY A 330 -0.22 -15.12 22.93
CA GLY A 330 -0.94 -14.22 22.04
C GLY A 330 -0.35 -12.83 21.92
N LEU A 331 0.98 -12.75 21.75
CA LEU A 331 1.67 -11.46 21.63
C LEU A 331 1.36 -10.71 20.32
N ARG A 332 0.45 -9.75 20.40
CA ARG A 332 0.10 -9.00 19.21
C ARG A 332 0.68 -7.61 19.28
N VAL A 333 0.84 -6.99 18.11
CA VAL A 333 1.35 -5.62 18.06
C VAL A 333 0.18 -4.70 18.41
N LEU A 334 0.30 -3.99 19.53
CA LEU A 334 -0.74 -3.05 19.92
C LEU A 334 -0.51 -1.85 18.99
N TYR A 335 0.72 -1.34 18.98
CA TYR A 335 1.08 -0.27 18.05
C TYR A 335 2.60 -0.16 17.93
N ASP A 336 3.06 0.59 16.94
CA ASP A 336 4.48 0.82 16.73
C ASP A 336 4.59 2.18 16.05
N LEU A 337 5.35 3.11 16.65
CA LEU A 337 5.50 4.43 16.08
C LEU A 337 6.87 5.05 16.32
N ALA A 338 7.23 5.98 15.45
CA ALA A 338 8.50 6.68 15.50
C ALA A 338 8.50 7.84 16.49
N HIS A 339 9.69 8.16 17.00
CA HIS A 339 9.89 9.28 17.92
C HIS A 339 10.75 10.34 17.22
N ASN A 340 11.40 9.96 16.11
CA ASN A 340 12.22 10.88 15.31
C ASN A 340 11.87 10.60 13.85
N ASN A 341 11.31 11.58 13.15
CA ASN A 341 10.96 11.38 11.75
C ASN A 341 10.35 12.60 11.10
N ALA A 342 10.46 12.70 9.78
CA ALA A 342 9.82 13.79 9.05
C ALA A 342 8.92 13.05 8.08
N LYS A 343 7.65 13.46 8.01
CA LYS A 343 6.70 12.79 7.16
C LYS A 343 5.79 13.77 6.47
N PHE A 344 5.37 13.42 5.26
CA PHE A 344 4.46 14.28 4.55
C PHE A 344 3.06 13.94 5.06
N GLU A 345 2.33 14.94 5.51
CA GLU A 345 0.99 14.73 6.06
C GLU A 345 0.04 15.85 5.63
N GLU A 346 -1.26 15.58 5.75
CA GLU A 346 -2.30 16.56 5.42
C GLU A 346 -2.65 17.33 6.68
N HIS A 347 -2.43 18.64 6.64
CA HIS A 347 -2.73 19.57 7.73
C HIS A 347 -3.15 20.88 7.08
N ARG A 348 -4.23 21.48 7.58
CA ARG A 348 -4.76 22.74 7.07
C ARG A 348 -5.12 22.60 5.58
N GLY A 349 -5.65 21.43 5.24
CA GLY A 349 -6.03 21.16 3.86
C GLY A 349 -4.87 21.09 2.88
N ARG A 350 -3.63 21.03 3.36
CA ARG A 350 -2.48 20.98 2.45
C ARG A 350 -1.50 19.87 2.81
N ARG A 351 -0.62 19.54 1.87
CA ARG A 351 0.38 18.52 2.11
C ARG A 351 1.59 19.25 2.67
N VAL A 352 2.02 18.89 3.87
CA VAL A 352 3.18 19.54 4.46
C VAL A 352 4.12 18.49 4.99
N LEU A 353 5.38 18.86 5.18
CA LEU A 353 6.36 17.94 5.71
C LEU A 353 6.53 18.26 7.20
N VAL A 354 6.22 17.29 8.05
CA VAL A 354 6.30 17.50 9.50
C VAL A 354 7.53 16.85 10.13
N HIS A 355 8.42 17.70 10.67
CA HIS A 355 9.64 17.25 11.34
C HIS A 355 9.26 17.01 12.80
N ARG A 356 9.63 15.85 13.31
CA ARG A 356 9.35 15.50 14.69
C ARG A 356 10.61 14.87 15.24
N LYS A 357 11.24 15.54 16.18
CA LYS A 357 12.44 15.01 16.82
C LYS A 357 12.08 14.87 18.27
N GLY A 358 12.03 13.64 18.77
CA GLY A 358 11.66 13.43 20.15
C GLY A 358 10.21 13.84 20.40
N ALA A 359 9.34 13.47 19.48
CA ALA A 359 7.92 13.79 19.59
C ALA A 359 7.27 12.74 18.70
N THR A 360 6.00 12.49 18.96
CA THR A 360 5.27 11.47 18.23
C THR A 360 4.12 11.98 17.40
N ARG A 361 3.76 11.19 16.40
CA ARG A 361 2.61 11.50 15.57
C ARG A 361 1.53 11.01 16.53
N ALA A 362 0.41 11.70 16.57
CA ALA A 362 -0.65 11.31 17.50
C ALA A 362 -2.00 11.66 16.93
N PHE A 363 -2.38 10.95 15.86
CA PHE A 363 -3.64 11.18 15.21
C PHE A 363 -4.84 10.88 16.13
N GLY A 364 -5.93 11.61 15.89
CA GLY A 364 -7.11 11.45 16.71
C GLY A 364 -8.26 10.67 16.14
N PRO A 365 -9.36 10.54 16.89
CA PRO A 365 -10.58 9.81 16.50
C PRO A 365 -11.04 10.17 15.09
N GLY A 366 -11.48 9.17 14.34
CA GLY A 366 -11.96 9.40 12.98
C GLY A 366 -10.92 9.47 11.87
N HIS A 367 -9.64 9.57 12.21
CA HIS A 367 -8.60 9.66 11.20
C HIS A 367 -8.43 8.38 10.39
N PRO A 368 -8.48 8.50 9.05
CA PRO A 368 -8.33 7.35 8.15
C PRO A 368 -7.01 6.58 8.30
N GLU A 369 -5.96 7.27 8.73
CA GLU A 369 -4.66 6.64 8.91
C GLU A 369 -4.59 5.84 10.22
N VAL A 370 -5.66 5.87 11.02
CA VAL A 370 -5.68 5.13 12.28
C VAL A 370 -6.41 3.81 12.07
N PRO A 371 -5.83 2.70 12.57
CA PRO A 371 -6.51 1.42 12.40
C PRO A 371 -7.95 1.52 12.88
N GLU A 372 -8.85 0.93 12.11
CA GLU A 372 -10.28 0.93 12.40
C GLU A 372 -10.58 0.51 13.83
N GLU A 373 -9.82 -0.46 14.32
CA GLU A 373 -10.00 -0.97 15.67
C GLU A 373 -9.87 0.13 16.71
N TYR A 374 -9.08 1.14 16.39
CA TYR A 374 -8.78 2.24 17.30
C TYR A 374 -9.35 3.58 16.88
N ARG A 375 -9.90 3.64 15.67
CA ARG A 375 -10.40 4.87 15.10
C ARG A 375 -11.36 5.68 15.96
N ARG A 376 -12.18 5.00 16.76
CA ARG A 376 -13.11 5.72 17.62
C ARG A 376 -12.42 6.41 18.79
N VAL A 377 -11.32 5.86 19.26
CA VAL A 377 -10.66 6.45 20.42
C VAL A 377 -9.37 7.21 20.15
N GLY A 378 -8.82 7.06 18.95
CA GLY A 378 -7.58 7.75 18.61
C GLY A 378 -6.37 6.82 18.53
N GLN A 379 -5.30 7.29 17.90
CA GLN A 379 -4.08 6.52 17.72
C GLN A 379 -3.35 6.30 19.04
N PRO A 380 -2.81 5.10 19.25
CA PRO A 380 -2.08 4.86 20.50
C PRO A 380 -0.80 5.72 20.47
N VAL A 381 -0.37 6.22 21.63
CA VAL A 381 0.85 7.00 21.73
C VAL A 381 1.64 6.28 22.81
N LEU A 382 2.80 5.78 22.43
CA LEU A 382 3.64 5.01 23.34
C LEU A 382 4.71 5.91 23.94
N VAL A 383 4.66 6.07 25.26
CA VAL A 383 5.60 6.93 25.96
C VAL A 383 6.45 6.09 26.89
N PRO A 384 7.64 5.67 26.41
CA PRO A 384 8.51 4.86 27.25
C PRO A 384 9.20 5.76 28.28
N GLY A 385 9.46 5.24 29.46
CA GLY A 385 10.16 6.03 30.45
C GLY A 385 11.61 5.61 30.29
N ASP A 386 12.44 5.86 31.28
CA ASP A 386 13.83 5.41 31.18
C ASP A 386 13.74 3.94 31.50
N GLY A 388 13.61 0.62 33.39
CA GLY A 388 13.18 0.36 34.76
C GLY A 388 12.27 1.41 35.33
N ARG A 389 11.75 2.29 34.48
CA ARG A 389 10.84 3.34 34.92
C ARG A 389 9.47 3.07 34.28
N TYR A 390 8.44 3.80 34.70
CA TYR A 390 7.11 3.61 34.13
C TYR A 390 7.03 4.01 32.66
N SER A 391 6.15 3.32 31.94
CA SER A 391 5.88 3.64 30.54
C SER A 391 4.40 3.98 30.52
N TYR A 392 3.97 4.77 29.55
CA TYR A 392 2.55 5.10 29.50
C TYR A 392 2.01 4.89 28.09
N VAL A 393 0.70 4.67 28.01
CA VAL A 393 0.03 4.52 26.73
C VAL A 393 -1.00 5.65 26.75
N LEU A 394 -0.94 6.53 25.76
CA LEU A 394 -1.88 7.63 25.64
C LEU A 394 -2.65 7.37 24.36
N ALA A 395 -3.59 8.26 24.04
CA ALA A 395 -4.35 8.15 22.79
C ALA A 395 -4.34 9.55 22.17
N GLY A 396 -4.26 9.60 20.84
CA GLY A 396 -4.25 10.87 20.13
C GLY A 396 -5.58 11.58 20.24
N THR A 397 -5.59 12.90 20.12
CA THR A 397 -6.84 13.63 20.26
C THR A 397 -7.18 14.50 19.09
N GLU A 398 -8.43 14.93 19.06
CA GLU A 398 -8.91 15.80 17.99
C GLU A 398 -8.26 17.15 18.16
N LYS A 399 -8.11 17.59 19.41
CA LYS A 399 -7.51 18.90 19.68
C LYS A 399 -6.10 18.98 19.11
N ALA A 400 -5.36 17.88 19.24
CA ALA A 400 -3.99 17.81 18.72
C ALA A 400 -4.01 18.01 17.22
N GLU A 402 -5.80 19.97 15.66
CA GLU A 402 -5.92 21.41 15.45
C GLU A 402 -4.67 22.19 15.92
N VAL A 403 -4.19 21.88 17.11
CA VAL A 403 -3.08 22.65 17.67
C VAL A 403 -1.65 22.18 17.65
N SER A 404 -1.39 20.94 17.24
CA SER A 404 -0.01 20.47 17.24
C SER A 404 0.34 19.63 16.02
N PHE A 405 -0.35 19.88 14.91
CA PHE A 405 -0.14 19.08 13.71
C PHE A 405 -0.29 17.60 14.10
N GLY A 406 -1.32 17.31 14.88
CA GLY A 406 -1.59 15.95 15.32
C GLY A 406 -0.37 15.29 15.93
N SER A 407 0.26 15.98 16.87
CA SER A 407 1.48 15.49 17.52
C SER A 407 1.37 15.43 19.05
N SER A 408 2.14 14.53 19.66
CA SER A 408 2.15 14.43 21.10
C SER A 408 3.56 14.23 21.62
N CYS A 409 3.70 13.86 22.89
CA CYS A 409 5.03 13.70 23.46
C CYS A 409 5.59 12.31 23.22
N HIS A 410 6.88 12.15 23.51
CA HIS A 410 7.49 10.85 23.34
C HIS A 410 8.10 10.33 24.64
N GLY A 411 8.50 11.24 25.52
CA GLY A 411 9.11 10.83 26.77
C GLY A 411 8.30 11.13 28.01
N ALA A 412 8.63 10.44 29.10
CA ALA A 412 7.93 10.62 30.37
C ALA A 412 8.75 11.38 31.42
N GLY A 413 10.07 11.38 31.25
CA GLY A 413 10.92 12.05 32.21
C GLY A 413 11.81 13.14 31.66
N ARG A 414 13.01 13.25 32.23
CA ARG A 414 13.99 14.26 31.83
C ARG A 414 15.39 13.68 31.62
N ASN A 429 25.74 0.96 40.12
CA ASN A 429 24.52 1.52 40.72
C ASN A 429 23.40 1.63 39.69
N LEU A 430 23.76 1.65 38.42
CA LEU A 430 22.78 1.75 37.33
C LEU A 430 21.84 0.54 37.36
N VAL A 431 22.42 -0.65 37.32
CA VAL A 431 21.65 -1.90 37.32
C VAL A 431 21.54 -2.49 38.74
N LYS A 432 22.41 -2.04 39.64
CA LYS A 432 22.42 -2.52 41.01
C LYS A 432 21.09 -2.23 41.70
N GLU A 433 20.61 -1.01 41.57
CA GLU A 433 19.36 -0.60 42.19
C GLU A 433 18.14 -1.12 41.43
N LEU A 434 18.37 -1.68 40.25
CA LEU A 434 17.28 -2.23 39.43
C LEU A 434 16.89 -3.60 39.97
N ALA A 435 17.85 -4.28 40.59
CA ALA A 435 17.61 -5.60 41.15
C ALA A 435 16.96 -5.46 42.53
N GLU A 436 16.83 -4.23 43.00
CA GLU A 436 16.23 -3.95 44.30
C GLU A 436 14.76 -3.56 44.19
N ARG A 437 14.36 -3.12 42.99
CA ARG A 437 12.98 -2.74 42.75
C ARG A 437 12.26 -3.90 42.06
N GLY A 438 12.87 -5.09 42.16
CA GLY A 438 12.29 -6.28 41.56
C GLY A 438 12.33 -6.29 40.04
N ILE A 439 13.50 -6.02 39.46
CA ILE A 439 13.64 -5.99 38.02
C ILE A 439 14.88 -6.75 37.57
N LEU A 440 14.67 -7.82 36.80
CA LEU A 440 15.79 -8.62 36.31
C LEU A 440 16.40 -7.92 35.11
N VAL A 441 17.72 -7.77 35.11
CA VAL A 441 18.40 -7.09 34.01
C VAL A 441 19.32 -8.02 33.22
N ARG A 442 19.35 -7.81 31.91
CA ARG A 442 20.16 -8.58 30.98
C ARG A 442 20.92 -7.59 30.11
N ALA A 443 22.21 -7.45 30.38
CA ALA A 443 23.05 -6.52 29.62
C ALA A 443 24.25 -7.25 29.01
N ALA A 444 24.74 -6.71 27.90
CA ALA A 444 25.88 -7.29 27.18
C ALA A 444 27.19 -6.63 27.60
N VAL A 460 4.86 9.73 38.92
CA VAL A 460 3.95 10.62 38.19
C VAL A 460 4.72 11.52 37.22
N SER A 461 4.54 11.28 35.93
CA SER A 461 5.23 12.04 34.89
C SER A 461 4.65 13.42 34.66
N LEU A 462 5.49 14.44 34.80
CA LEU A 462 5.06 15.82 34.60
C LEU A 462 4.79 16.00 33.11
N VAL A 463 5.63 15.37 32.30
CA VAL A 463 5.47 15.46 30.86
C VAL A 463 4.07 14.97 30.46
N VAL A 464 3.72 13.75 30.87
CA VAL A 464 2.40 13.20 30.56
C VAL A 464 1.30 14.09 31.13
N GLU A 465 1.57 14.67 32.30
CA GLU A 465 0.61 15.56 32.98
C GLU A 465 0.36 16.79 32.11
N ALA A 466 1.45 17.37 31.60
CA ALA A 466 1.32 18.56 30.77
C ALA A 466 0.60 18.20 29.47
N VAL A 467 0.99 17.08 28.88
CA VAL A 467 0.37 16.64 27.64
C VAL A 467 -1.12 16.44 27.81
N GLU A 468 -1.53 15.72 28.85
CA GLU A 468 -2.96 15.51 29.03
C GLU A 468 -3.64 16.85 29.36
N GLY A 469 -2.97 17.66 30.17
CA GLY A 469 -3.53 18.96 30.52
C GLY A 469 -3.72 19.86 29.30
N ALA A 470 -2.77 19.83 28.37
CA ALA A 470 -2.87 20.65 27.18
C ALA A 470 -3.89 20.08 26.20
N GLY A 471 -4.39 18.88 26.49
CA GLY A 471 -5.38 18.27 25.62
C GLY A 471 -4.84 17.55 24.38
N ILE A 472 -3.53 17.29 24.36
CA ILE A 472 -2.95 16.62 23.20
C ILE A 472 -2.46 15.20 23.46
N GLY A 473 -3.06 14.53 24.44
CA GLY A 473 -2.68 13.18 24.75
C GLY A 473 -3.46 12.62 25.93
N LYS A 474 -4.50 11.85 25.65
CA LYS A 474 -5.32 11.28 26.70
C LYS A 474 -4.64 10.05 27.32
N LYS A 475 -4.54 10.04 28.65
CA LYS A 475 -3.94 8.90 29.36
C LYS A 475 -4.80 7.68 29.24
N VAL A 476 -4.17 6.55 28.90
CA VAL A 476 -4.89 5.30 28.78
C VAL A 476 -4.40 4.30 29.80
N ALA A 477 -3.09 4.09 29.87
CA ALA A 477 -2.56 3.13 30.85
C ALA A 477 -1.13 3.39 31.22
N ARG A 478 -0.69 2.74 32.30
CA ARG A 478 0.67 2.85 32.77
C ARG A 478 1.23 1.44 32.85
N LEU A 479 2.49 1.31 32.49
CA LEU A 479 3.20 0.04 32.44
C LEU A 479 4.41 0.03 33.37
N ARG A 480 4.54 -1.03 34.16
CA ARG A 480 5.67 -1.17 35.07
C ARG A 480 6.58 -2.31 34.56
N PRO A 481 7.90 -2.05 34.49
CA PRO A 481 8.85 -3.07 34.02
C PRO A 481 9.15 -4.20 35.00
N LEU A 482 9.39 -5.38 34.45
CA LEU A 482 9.72 -6.58 35.23
C LEU A 482 11.09 -7.07 34.80
N ILE A 483 11.34 -7.04 33.50
CA ILE A 483 12.59 -7.49 32.91
C ILE A 483 13.12 -6.45 31.93
N VAL A 484 14.40 -6.13 32.05
CA VAL A 484 15.03 -5.16 31.16
C VAL A 484 16.20 -5.81 30.44
N VAL A 485 16.16 -5.80 29.11
CA VAL A 485 17.22 -6.35 28.28
C VAL A 485 17.84 -5.17 27.51
N LYS A 486 19.12 -4.92 27.76
CA LYS A 486 19.84 -3.81 27.12
C LYS A 486 20.72 -4.30 25.98
N GLY A 487 20.94 -3.43 25.00
CA GLY A 487 21.77 -3.78 23.86
C GLY A 487 23.26 -3.63 24.08
N PHE B 13 -1.23 -20.93 -44.40
CA PHE B 13 -1.09 -19.49 -44.30
C PHE B 13 -0.33 -19.10 -43.03
N PHE B 14 0.12 -20.09 -42.27
CA PHE B 14 0.88 -19.83 -41.05
C PHE B 14 1.98 -20.87 -40.81
N GLU B 15 3.02 -20.48 -40.07
CA GLU B 15 4.13 -21.37 -39.75
C GLU B 15 4.45 -21.26 -38.26
N LYS B 16 5.09 -22.29 -37.71
CA LYS B 16 5.46 -22.28 -36.30
C LYS B 16 6.85 -21.68 -36.16
N ILE B 17 6.98 -20.68 -35.29
CA ILE B 17 8.26 -20.00 -35.10
C ILE B 17 8.93 -20.13 -33.76
N ALA B 18 8.25 -20.73 -32.79
CA ALA B 18 8.79 -20.91 -31.44
C ALA B 18 7.82 -21.77 -30.64
N PRO B 19 8.18 -22.14 -29.40
CA PRO B 19 7.25 -22.97 -28.62
C PRO B 19 5.89 -22.27 -28.54
N TYR B 20 4.84 -23.05 -28.80
CA TYR B 20 3.46 -22.55 -28.79
C TYR B 20 3.26 -21.24 -29.57
N THR B 21 4.17 -20.94 -30.49
CA THR B 21 4.07 -19.70 -31.25
C THR B 21 4.01 -19.93 -32.75
N TYR B 22 3.00 -19.30 -33.37
CA TYR B 22 2.74 -19.38 -34.80
C TYR B 22 2.76 -18.00 -35.44
N ARG B 23 3.26 -17.95 -36.67
CA ARG B 23 3.36 -16.71 -37.41
C ARG B 23 2.54 -16.77 -38.70
N ILE B 24 1.77 -15.73 -38.95
CA ILE B 24 1.00 -15.67 -40.17
C ILE B 24 1.74 -14.63 -40.99
N PRO B 25 2.53 -15.09 -41.97
CA PRO B 25 3.27 -14.15 -42.80
C PRO B 25 2.30 -13.24 -43.57
N ARG B 26 2.63 -11.94 -43.57
CA ARG B 26 1.84 -10.92 -44.24
C ARG B 26 1.43 -11.29 -45.69
N GLN B 27 0.14 -11.24 -45.96
CA GLN B 27 -0.41 -11.54 -47.29
C GLN B 27 -1.68 -10.72 -47.55
N GLY B 28 -1.89 -10.36 -48.82
CA GLY B 28 -3.07 -9.59 -49.20
C GLY B 28 -3.00 -8.14 -48.74
N LYS B 29 -4.08 -7.68 -48.12
CA LYS B 29 -4.15 -6.32 -47.63
C LYS B 29 -3.44 -6.16 -46.28
N ARG B 31 -0.84 -5.46 -43.60
CA ARG B 31 0.29 -4.53 -43.64
C ARG B 31 1.47 -5.05 -42.85
N VAL B 32 1.21 -6.05 -42.02
CA VAL B 32 2.26 -6.64 -41.18
C VAL B 32 1.94 -8.10 -40.94
N ASP B 33 2.86 -8.81 -40.31
CA ASP B 33 2.62 -10.21 -39.97
C ASP B 33 1.69 -10.24 -38.74
N ALA B 34 1.09 -11.40 -38.52
CA ALA B 34 0.25 -11.62 -37.36
C ALA B 34 0.99 -12.77 -36.66
N VAL B 35 0.85 -12.85 -35.34
CA VAL B 35 1.46 -13.90 -34.54
C VAL B 35 0.37 -14.35 -33.59
N PHE B 36 0.31 -15.65 -33.30
CA PHE B 36 -0.67 -16.15 -32.35
C PHE B 36 -0.07 -17.29 -31.59
N PHE B 37 -0.43 -17.39 -30.32
CA PHE B 37 0.08 -18.43 -29.47
C PHE B 37 -0.96 -19.55 -29.32
N ALA B 38 -0.50 -20.80 -29.36
CA ALA B 38 -1.40 -21.94 -29.26
C ALA B 38 -0.65 -23.25 -29.12
N SER B 39 -1.35 -24.26 -28.62
CA SER B 39 -0.77 -25.58 -28.49
C SER B 39 -1.49 -26.40 -29.55
N LYS B 40 -1.12 -27.67 -29.68
CA LYS B 40 -1.74 -28.57 -30.66
C LYS B 40 -3.25 -28.64 -30.51
N GLU B 41 -3.73 -28.89 -29.29
CA GLU B 41 -5.17 -28.99 -29.05
C GLU B 41 -5.91 -27.72 -29.48
N ILE B 42 -5.41 -26.57 -29.04
CA ILE B 42 -6.03 -25.30 -29.37
C ILE B 42 -6.00 -25.08 -30.88
N LEU B 43 -4.85 -25.32 -31.50
CA LEU B 43 -4.73 -25.15 -32.95
C LEU B 43 -5.75 -26.05 -33.62
N LYS B 44 -6.07 -27.17 -32.96
CA LYS B 44 -7.04 -28.13 -33.46
C LYS B 44 -8.44 -27.53 -33.38
N ASP B 45 -8.77 -26.92 -32.24
CA ASP B 45 -10.08 -26.30 -32.06
C ASP B 45 -10.29 -25.17 -33.06
N LEU B 46 -9.19 -24.57 -33.51
CA LEU B 46 -9.27 -23.48 -34.47
C LEU B 46 -9.62 -24.03 -35.84
N GLU B 47 -9.23 -25.27 -36.11
CA GLU B 47 -9.53 -25.94 -37.38
C GLU B 47 -11.04 -26.08 -37.47
N ALA B 48 -11.63 -26.56 -36.38
CA ALA B 48 -13.07 -26.76 -36.30
C ALA B 48 -13.82 -25.50 -36.71
N GLU B 49 -13.47 -24.39 -36.07
CA GLU B 49 -14.11 -23.10 -36.35
C GLU B 49 -13.70 -22.61 -37.74
N ASN B 50 -12.88 -23.39 -38.42
CA ASN B 50 -12.36 -23.08 -39.74
C ASN B 50 -11.54 -21.79 -39.75
N TYR B 51 -10.72 -21.63 -38.72
CA TYR B 51 -9.83 -20.48 -38.58
C TYR B 51 -10.54 -19.13 -38.60
N ALA B 52 -11.83 -19.15 -38.29
CA ALA B 52 -12.64 -17.94 -38.30
C ALA B 52 -11.96 -16.80 -37.55
N SER B 53 -11.60 -17.02 -36.29
CA SER B 53 -10.98 -15.95 -35.51
C SER B 53 -9.60 -15.55 -36.03
N LEU B 54 -8.92 -16.46 -36.70
CA LEU B 54 -7.62 -16.12 -37.26
C LEU B 54 -7.81 -15.17 -38.45
N GLN B 55 -8.98 -15.24 -39.08
CA GLN B 55 -9.27 -14.36 -40.22
C GLN B 55 -9.44 -12.95 -39.68
N GLN B 56 -10.10 -12.84 -38.53
CA GLN B 56 -10.30 -11.54 -37.90
C GLN B 56 -8.94 -10.94 -37.53
N LEU B 57 -8.04 -11.79 -37.05
CA LEU B 57 -6.69 -11.34 -36.68
C LEU B 57 -6.00 -10.76 -37.92
N ASN B 59 -7.58 -9.55 -40.48
CA ASN B 59 -8.29 -8.33 -40.82
C ASN B 59 -7.68 -7.15 -40.07
N VAL B 60 -7.40 -7.36 -38.78
CA VAL B 60 -6.83 -6.33 -37.93
C VAL B 60 -5.52 -5.81 -38.52
N ALA B 61 -4.77 -6.73 -39.11
CA ALA B 61 -3.49 -6.44 -39.72
C ALA B 61 -3.55 -5.47 -40.92
N THR B 62 -4.74 -5.27 -41.47
CA THR B 62 -4.92 -4.37 -42.64
C THR B 62 -5.09 -2.90 -42.24
N LEU B 63 -5.29 -2.64 -40.95
CA LEU B 63 -5.51 -1.28 -40.49
C LEU B 63 -4.27 -0.42 -40.53
N PRO B 64 -4.43 0.89 -40.80
CA PRO B 64 -3.35 1.87 -40.89
C PRO B 64 -2.51 2.06 -39.64
N GLY B 65 -1.20 2.17 -39.83
CA GLY B 65 -0.27 2.38 -38.72
C GLY B 65 -0.10 1.22 -37.75
N ILE B 66 -0.60 0.05 -38.11
CA ILE B 66 -0.46 -1.11 -37.22
C ILE B 66 1.01 -1.45 -37.14
N VAL B 67 1.50 -1.71 -35.92
CA VAL B 67 2.88 -2.08 -35.69
C VAL B 67 2.97 -3.61 -35.67
N GLU B 68 4.00 -4.15 -36.31
CA GLU B 68 4.16 -5.60 -36.38
C GLU B 68 4.57 -6.18 -35.04
N PRO B 69 3.93 -7.29 -34.64
CA PRO B 69 2.86 -7.93 -35.41
C PRO B 69 1.51 -7.79 -34.73
N ALA B 70 0.45 -8.13 -35.45
CA ALA B 70 -0.89 -8.14 -34.88
C ALA B 70 -0.86 -9.45 -34.08
N LEU B 71 -1.39 -9.44 -32.86
CA LEU B 71 -1.33 -10.63 -32.01
C LEU B 71 -2.62 -11.21 -31.46
N ALA B 72 -2.57 -12.51 -31.17
CA ALA B 72 -3.71 -13.22 -30.59
C ALA B 72 -3.21 -14.23 -29.56
N PRO B 74 -3.87 -17.51 -26.67
CA PRO B 74 -4.40 -18.87 -26.83
C PRO B 74 -5.91 -19.06 -26.67
N ASP B 75 -6.61 -18.15 -25.98
CA ASP B 75 -8.05 -18.30 -25.85
C ASP B 75 -8.76 -17.47 -26.91
N ILE B 76 -8.06 -17.18 -28.00
CA ILE B 76 -8.63 -16.39 -29.08
C ILE B 76 -9.95 -16.96 -29.60
N HIS B 77 -10.92 -16.08 -29.85
CA HIS B 77 -12.19 -16.50 -30.43
C HIS B 77 -12.89 -15.34 -31.09
N TRP B 78 -13.87 -15.68 -31.93
CA TRP B 78 -14.65 -14.72 -32.68
C TRP B 78 -15.14 -13.53 -31.87
N GLY B 79 -14.91 -12.33 -32.39
CA GLY B 79 -15.37 -11.13 -31.70
C GLY B 79 -15.95 -10.11 -32.66
N TYR B 80 -16.15 -8.90 -32.15
CA TYR B 80 -16.68 -7.79 -32.96
C TYR B 80 -15.50 -7.14 -33.68
N GLY B 81 -15.36 -7.42 -34.98
CA GLY B 81 -14.25 -6.86 -35.74
C GLY B 81 -12.94 -7.49 -35.31
N PHE B 82 -12.44 -7.08 -34.14
CA PHE B 82 -11.21 -7.63 -33.59
C PHE B 82 -11.60 -8.92 -32.89
N PRO B 83 -10.72 -9.93 -32.93
CA PRO B 83 -11.05 -11.18 -32.24
C PRO B 83 -10.83 -10.98 -30.75
N ILE B 84 -11.58 -11.70 -29.93
CA ILE B 84 -11.40 -11.59 -28.51
C ILE B 84 -10.11 -12.33 -28.24
N GLY B 85 -9.26 -11.73 -27.42
CA GLY B 85 -7.96 -12.31 -27.11
C GLY B 85 -6.87 -11.71 -27.97
N GLY B 86 -7.18 -10.57 -28.60
CA GLY B 86 -6.19 -9.94 -29.47
C GLY B 86 -5.49 -8.73 -28.88
N VAL B 87 -4.31 -8.44 -29.42
CA VAL B 87 -3.47 -7.30 -29.03
C VAL B 87 -2.98 -6.66 -30.33
N ALA B 88 -3.31 -5.38 -30.53
CA ALA B 88 -2.89 -4.67 -31.73
C ALA B 88 -2.39 -3.29 -31.33
N ALA B 89 -1.13 -3.01 -31.64
CA ALA B 89 -0.55 -1.72 -31.30
C ALA B 89 -0.53 -0.86 -32.57
N PHE B 90 -0.71 0.44 -32.40
CA PHE B 90 -0.72 1.38 -33.52
C PHE B 90 0.14 2.61 -33.23
N ASP B 91 0.83 3.08 -34.27
CA ASP B 91 1.69 4.25 -34.14
C ASP B 91 0.93 5.50 -34.56
N PRO B 92 0.66 6.41 -33.61
CA PRO B 92 -0.08 7.66 -33.86
C PRO B 92 0.55 8.46 -35.00
N GLU B 93 1.89 8.44 -35.09
CA GLU B 93 2.61 9.20 -36.11
C GLU B 93 2.65 8.57 -37.49
N GLU B 94 2.00 7.44 -37.68
CA GLU B 94 2.00 6.79 -38.97
C GLU B 94 0.60 6.45 -39.44
N GLY B 95 -0.35 7.33 -39.14
CA GLY B 95 -1.73 7.08 -39.54
C GLY B 95 -2.37 6.05 -38.62
N GLY B 96 -1.77 5.86 -37.45
CA GLY B 96 -2.31 4.91 -36.49
C GLY B 96 -3.76 5.22 -36.17
N VAL B 97 -4.59 4.19 -36.02
CA VAL B 97 -6.00 4.41 -35.72
C VAL B 97 -6.43 3.84 -34.36
N VAL B 98 -7.58 4.26 -33.88
CA VAL B 98 -8.10 3.74 -32.63
C VAL B 98 -9.43 3.14 -33.04
N SER B 99 -9.71 1.93 -32.57
CA SER B 99 -10.95 1.24 -32.92
C SER B 99 -11.67 0.71 -31.69
N PRO B 100 -12.90 1.19 -31.44
CA PRO B 100 -13.72 0.76 -30.30
C PRO B 100 -13.84 -0.77 -30.26
N GLY B 101 -13.92 -1.39 -31.44
CA GLY B 101 -14.03 -2.84 -31.53
C GLY B 101 -12.74 -3.52 -31.14
N GLY B 102 -11.65 -2.76 -31.11
CA GLY B 102 -10.35 -3.30 -30.71
C GLY B 102 -10.24 -3.30 -29.21
N VAL B 103 -11.16 -2.60 -28.55
CA VAL B 103 -11.19 -2.52 -27.09
C VAL B 103 -12.29 -3.42 -26.56
N GLY B 104 -13.44 -3.39 -27.22
CA GLY B 104 -14.56 -4.19 -26.79
C GLY B 104 -15.63 -3.31 -26.14
N PHE B 105 -16.87 -3.80 -26.16
CA PHE B 105 -17.99 -3.06 -25.60
C PHE B 105 -17.89 -2.83 -24.10
N ASP B 106 -17.36 -3.80 -23.37
CA ASP B 106 -17.24 -3.60 -21.94
C ASP B 106 -15.85 -3.04 -21.65
N ILE B 107 -15.73 -1.73 -21.86
CA ILE B 107 -14.48 -1.01 -21.64
C ILE B 107 -14.02 -1.23 -20.23
N ASN B 108 -12.76 -1.63 -20.12
CA ASN B 108 -12.12 -1.94 -18.85
C ASN B 108 -12.86 -3.04 -18.09
N CYS B 109 -13.36 -4.02 -18.82
CA CYS B 109 -13.95 -5.19 -18.15
C CYS B 109 -12.63 -5.72 -17.58
N GLY B 110 -12.60 -6.11 -16.33
CA GLY B 110 -11.34 -6.56 -15.77
C GLY B 110 -11.44 -7.34 -14.48
N VAL B 111 -10.31 -7.51 -13.80
CA VAL B 111 -10.29 -8.29 -12.58
C VAL B 111 -9.51 -7.71 -11.42
N ARG B 112 -10.10 -7.78 -10.23
CA ARG B 112 -9.40 -7.36 -9.03
C ARG B 112 -9.26 -8.60 -8.15
N LEU B 113 -8.10 -8.80 -7.56
CA LEU B 113 -7.96 -9.94 -6.68
C LEU B 113 -7.60 -9.44 -5.29
N LEU B 114 -8.42 -9.81 -4.31
CA LEU B 114 -8.13 -9.46 -2.92
C LEU B 114 -7.53 -10.72 -2.31
N ALA B 115 -6.51 -10.56 -1.46
CA ALA B 115 -5.86 -11.68 -0.81
C ALA B 115 -5.97 -11.43 0.68
N SER B 116 -6.47 -12.41 1.43
CA SER B 116 -6.65 -12.24 2.87
C SER B 116 -5.64 -13.02 3.68
N HIS B 117 -5.71 -12.86 5.01
CA HIS B 117 -4.87 -13.57 5.95
C HIS B 117 -5.58 -14.87 6.35
N LEU B 118 -6.86 -14.98 5.99
CA LEU B 118 -7.66 -16.17 6.34
C LEU B 118 -7.31 -17.40 5.50
N THR B 119 -7.40 -18.57 6.15
CA THR B 119 -7.13 -19.84 5.50
C THR B 119 -8.44 -20.54 5.19
N LEU B 120 -8.34 -21.66 4.46
CA LEU B 120 -9.50 -22.46 4.08
C LEU B 120 -10.18 -22.94 5.35
N GLU B 121 -9.38 -23.35 6.34
CA GLU B 121 -9.94 -23.84 7.60
C GLU B 121 -10.72 -22.73 8.28
N ASP B 122 -10.22 -21.49 8.17
CA ASP B 122 -10.89 -20.34 8.77
C ASP B 122 -12.24 -20.05 8.11
N LEU B 123 -12.29 -20.26 6.79
CA LEU B 123 -13.48 -19.96 6.02
C LEU B 123 -14.58 -21.00 5.97
N LEU B 124 -14.20 -22.26 5.76
CA LEU B 124 -15.18 -23.33 5.62
C LEU B 124 -16.37 -23.29 6.59
N PRO B 125 -16.11 -23.16 7.89
CA PRO B 125 -17.25 -23.13 8.80
C PRO B 125 -18.26 -22.00 8.61
N ARG B 126 -17.88 -20.92 7.93
CA ARG B 126 -18.80 -19.82 7.71
C ARG B 126 -19.14 -19.60 6.25
N GLN B 127 -18.91 -20.62 5.44
CA GLN B 127 -19.16 -20.53 4.01
C GLN B 127 -20.54 -20.07 3.61
N LYS B 128 -21.58 -20.70 4.17
CA LYS B 128 -22.94 -20.33 3.80
C LYS B 128 -23.29 -18.91 4.24
N GLU B 129 -22.94 -18.56 5.47
CA GLU B 129 -23.23 -17.24 5.98
C GLU B 129 -22.56 -16.17 5.13
N LEU B 130 -21.28 -16.40 4.80
CA LEU B 130 -20.54 -15.45 3.98
C LEU B 130 -21.19 -15.32 2.61
N ALA B 131 -21.60 -16.46 2.04
CA ALA B 131 -22.24 -16.44 0.74
C ALA B 131 -23.53 -15.59 0.77
N ASP B 132 -24.35 -15.77 1.81
CA ASP B 132 -25.58 -15.00 1.94
C ASP B 132 -25.23 -13.54 2.15
N ALA B 133 -24.24 -13.27 3.00
CA ALA B 133 -23.84 -11.89 3.24
C ALA B 133 -23.42 -11.25 1.91
N LEU B 134 -22.55 -11.92 1.16
CA LEU B 134 -22.09 -11.38 -0.11
C LEU B 134 -23.23 -11.15 -1.10
N TYR B 135 -24.13 -12.11 -1.20
CA TYR B 135 -25.26 -11.99 -2.11
C TYR B 135 -26.08 -10.77 -1.69
N ARG B 136 -26.22 -10.59 -0.39
CA ARG B 136 -26.98 -9.49 0.18
C ARG B 136 -26.28 -8.14 0.01
N LEU B 137 -24.98 -8.08 0.27
CA LEU B 137 -24.22 -6.83 0.18
C LEU B 137 -23.60 -6.41 -1.16
N VAL B 138 -23.51 -7.32 -2.13
CA VAL B 138 -22.92 -6.97 -3.42
C VAL B 138 -23.90 -7.11 -4.59
N PRO B 139 -24.56 -6.00 -4.97
CA PRO B 139 -25.55 -5.96 -6.06
C PRO B 139 -25.16 -6.69 -7.35
N SER B 140 -25.94 -7.70 -7.71
CA SER B 140 -25.71 -8.48 -8.92
C SER B 140 -26.96 -8.41 -9.79
N GLY B 141 -26.81 -8.82 -11.05
CA GLY B 141 -27.93 -8.78 -11.97
C GLY B 141 -27.96 -7.52 -12.82
N ARG B 147 -29.30 -0.23 -2.83
CA ARG B 147 -28.47 -0.02 -1.64
C ARG B 147 -28.62 1.43 -1.17
N ASP B 148 -27.74 1.87 -0.28
CA ASP B 148 -27.80 3.25 0.24
C ASP B 148 -26.52 4.02 -0.09
N VAL B 149 -25.93 3.71 -1.24
CA VAL B 149 -24.69 4.36 -1.68
C VAL B 149 -24.99 5.16 -2.95
N ARG B 150 -25.74 6.25 -2.79
CA ARG B 150 -26.09 7.09 -3.92
C ARG B 150 -25.14 8.26 -4.08
N PHE B 151 -24.71 8.49 -5.31
CA PHE B 151 -23.78 9.58 -5.61
C PHE B 151 -24.46 10.55 -6.56
N SER B 152 -24.15 11.82 -6.41
CA SER B 152 -24.74 12.85 -7.27
C SER B 152 -24.08 12.88 -8.63
N LYS B 153 -24.70 13.62 -9.53
CA LYS B 153 -24.23 13.79 -10.89
C LYS B 153 -22.79 14.34 -10.86
N ARG B 154 -22.57 15.35 -10.03
CA ARG B 154 -21.26 15.97 -9.90
C ARG B 154 -20.23 14.99 -9.34
N GLU B 155 -20.61 14.19 -8.36
CA GLU B 155 -19.70 13.21 -7.78
C GLU B 155 -19.28 12.19 -8.83
N LEU B 156 -20.25 11.66 -9.56
CA LEU B 156 -19.99 10.67 -10.59
C LEU B 156 -19.09 11.26 -11.67
N LYS B 157 -19.29 12.55 -11.94
CA LYS B 157 -18.50 13.24 -12.94
C LYS B 157 -17.04 13.19 -12.49
N GLU B 158 -16.81 13.40 -11.21
CA GLU B 158 -15.46 13.39 -10.66
C GLU B 158 -14.87 11.98 -10.66
N ILE B 159 -15.73 10.97 -10.53
CA ILE B 159 -15.26 9.58 -10.54
C ILE B 159 -14.73 9.24 -11.94
N LEU B 160 -15.43 9.70 -12.97
CA LEU B 160 -15.01 9.42 -14.35
C LEU B 160 -13.62 9.98 -14.64
N LYS B 161 -13.25 11.03 -13.92
CA LYS B 161 -11.94 11.64 -14.10
C LYS B 161 -10.88 11.14 -13.14
N GLU B 162 -11.28 10.71 -11.94
CA GLU B 162 -10.32 10.26 -10.95
C GLU B 162 -10.18 8.76 -10.78
N GLY B 163 -11.20 8.00 -11.15
CA GLY B 163 -11.11 6.56 -10.98
C GLY B 163 -11.23 6.12 -9.53
N ALA B 164 -10.61 5.00 -9.22
CA ALA B 164 -10.67 4.43 -7.87
C ALA B 164 -10.23 5.33 -6.72
N GLY B 165 -9.25 6.20 -6.94
CA GLY B 165 -8.79 7.08 -5.87
C GLY B 165 -9.88 7.94 -5.23
N TRP B 166 -10.85 8.37 -6.03
CA TRP B 166 -11.95 9.18 -5.53
C TRP B 166 -12.65 8.47 -4.36
N LEU B 167 -12.98 7.19 -4.58
CA LEU B 167 -13.66 6.39 -3.59
C LEU B 167 -12.82 6.13 -2.34
N VAL B 168 -11.54 5.84 -2.53
CA VAL B 168 -10.65 5.56 -1.42
C VAL B 168 -10.58 6.77 -0.51
N LYS B 169 -10.45 7.96 -1.09
CA LYS B 169 -10.37 9.21 -0.33
C LYS B 169 -11.61 9.45 0.52
N ARG B 170 -12.77 9.00 0.02
CA ARG B 170 -14.02 9.17 0.75
C ARG B 170 -14.30 7.99 1.67
N GLY B 171 -13.28 7.17 1.91
CA GLY B 171 -13.45 6.03 2.81
C GLY B 171 -13.94 4.72 2.24
N TYR B 172 -14.16 4.64 0.94
CA TYR B 172 -14.62 3.39 0.32
C TYR B 172 -13.42 2.54 -0.10
N GLY B 173 -12.48 2.37 0.81
CA GLY B 173 -11.31 1.57 0.52
C GLY B 173 -10.26 1.80 1.57
N TYR B 174 -9.08 1.22 1.37
CA TYR B 174 -7.97 1.40 2.28
C TYR B 174 -6.98 2.24 1.49
N PRO B 175 -6.21 3.11 2.16
CA PRO B 175 -5.22 3.96 1.48
C PRO B 175 -4.31 3.18 0.52
N GLU B 176 -3.83 2.02 0.94
CA GLU B 176 -2.94 1.19 0.11
C GLU B 176 -3.56 0.56 -1.15
N ASP B 177 -4.88 0.62 -1.29
CA ASP B 177 -5.54 0.01 -2.45
C ASP B 177 -5.04 0.53 -3.78
N VAL B 178 -4.99 1.85 -3.90
CA VAL B 178 -4.59 2.53 -5.12
C VAL B 178 -3.27 2.13 -5.75
N ARG B 179 -2.22 1.97 -4.92
CA ARG B 179 -0.92 1.61 -5.47
C ARG B 179 -0.91 0.26 -6.17
N PHE B 180 -1.89 -0.59 -5.86
CA PHE B 180 -1.91 -1.91 -6.48
C PHE B 180 -2.97 -2.10 -7.56
N ILE B 181 -3.36 -1.00 -8.18
CA ILE B 181 -4.30 -1.04 -9.27
C ILE B 181 -3.51 -0.62 -10.50
N GLU B 182 -3.81 -1.24 -11.64
CA GLU B 182 -3.16 -0.88 -12.90
C GLU B 182 -3.41 0.62 -13.14
N SER B 183 -2.34 1.36 -13.45
CA SER B 183 -2.41 2.79 -13.68
C SER B 183 -2.92 3.53 -12.44
N GLN B 184 -2.79 2.90 -11.28
CA GLN B 184 -3.26 3.48 -10.03
C GLN B 184 -4.76 3.76 -10.15
N GLY B 185 -5.42 2.96 -10.98
CA GLY B 185 -6.86 3.07 -11.17
C GLY B 185 -7.33 4.39 -11.77
N ARG B 186 -6.53 4.95 -12.68
CA ARG B 186 -6.90 6.21 -13.31
C ARG B 186 -6.23 6.46 -14.65
N LEU B 187 -6.98 6.34 -15.73
CA LEU B 187 -6.44 6.64 -17.06
C LEU B 187 -6.45 8.17 -17.12
N PRO B 188 -5.29 8.78 -17.41
CA PRO B 188 -5.15 10.23 -17.49
C PRO B 188 -5.99 11.07 -18.45
N TRP B 189 -6.34 10.55 -19.62
CA TRP B 189 -7.07 11.41 -20.55
C TRP B 189 -8.60 11.46 -20.47
N ALA B 190 -9.15 11.00 -19.35
CA ALA B 190 -10.58 10.97 -19.16
C ALA B 190 -11.24 12.34 -19.22
N ASN B 191 -12.31 12.44 -20.02
CA ASN B 191 -13.07 13.67 -20.15
C ASN B 191 -14.55 13.34 -20.23
N PRO B 192 -15.27 13.49 -19.12
CA PRO B 192 -16.70 13.20 -19.03
C PRO B 192 -17.51 13.85 -20.16
N ASP B 193 -17.06 15.02 -20.64
CA ASP B 193 -17.74 15.72 -21.72
C ASP B 193 -17.90 14.88 -22.97
N LYS B 194 -16.98 13.95 -23.18
CA LYS B 194 -17.00 13.11 -24.38
C LYS B 194 -17.91 11.89 -24.22
N VAL B 195 -18.37 11.67 -23.00
CA VAL B 195 -19.29 10.56 -22.73
C VAL B 195 -20.70 11.08 -22.96
N SER B 196 -21.49 10.39 -23.77
CA SER B 196 -22.83 10.86 -24.07
C SER B 196 -23.76 10.85 -22.87
N GLU B 197 -24.73 11.76 -22.90
CA GLU B 197 -25.71 11.88 -21.84
C GLU B 197 -26.33 10.53 -21.56
N ARG B 198 -26.72 9.82 -22.61
CA ARG B 198 -27.33 8.51 -22.45
C ARG B 198 -26.42 7.51 -21.72
N ALA B 199 -25.14 7.52 -22.05
CA ALA B 199 -24.20 6.60 -21.40
C ALA B 199 -23.99 7.02 -19.94
N PHE B 200 -23.86 8.32 -19.70
CA PHE B 200 -23.65 8.81 -18.34
C PHE B 200 -24.85 8.56 -17.43
N GLU B 201 -26.05 8.85 -17.93
CA GLU B 201 -27.29 8.67 -17.19
C GLU B 201 -27.65 7.23 -16.83
N ARG B 202 -27.81 6.41 -17.86
CA ARG B 202 -28.18 5.02 -17.62
C ARG B 202 -27.09 4.18 -16.98
N GLY B 203 -25.83 4.58 -17.17
CA GLY B 203 -24.73 3.81 -16.62
C GLY B 203 -24.21 4.21 -15.27
N ALA B 204 -23.73 5.46 -15.14
CA ALA B 204 -23.16 5.95 -13.88
C ALA B 204 -23.80 5.39 -12.60
N PRO B 205 -25.13 5.53 -12.44
CA PRO B 205 -25.84 5.03 -11.25
C PRO B 205 -25.71 3.53 -10.97
N GLN B 206 -25.12 2.78 -11.90
CA GLN B 206 -24.94 1.33 -11.71
C GLN B 206 -23.62 1.07 -11.01
N ILE B 207 -23.00 2.11 -10.46
CA ILE B 207 -21.72 1.93 -9.81
C ILE B 207 -21.89 1.01 -8.59
N GLY B 208 -20.94 0.10 -8.41
CA GLY B 208 -21.01 -0.82 -7.28
C GLY B 208 -21.84 -2.06 -7.57
N THR B 209 -21.91 -2.47 -8.83
CA THR B 209 -22.70 -3.65 -9.16
C THR B 209 -21.93 -4.52 -10.15
N LEU B 210 -22.17 -5.83 -10.09
CA LEU B 210 -21.49 -6.78 -10.95
C LEU B 210 -22.00 -6.82 -12.39
N GLY B 211 -23.28 -6.60 -12.56
CA GLY B 211 -23.85 -6.64 -13.89
C GLY B 211 -24.06 -8.11 -14.24
N SER B 212 -24.38 -8.39 -15.50
CA SER B 212 -24.61 -9.77 -15.90
C SER B 212 -23.54 -10.30 -16.83
N GLY B 213 -23.92 -11.22 -17.71
CA GLY B 213 -22.96 -11.79 -18.63
C GLY B 213 -21.96 -12.63 -17.89
N ASN B 214 -20.71 -12.55 -18.30
CA ASN B 214 -19.63 -13.30 -17.68
C ASN B 214 -19.06 -12.63 -16.43
N HIS B 215 -19.87 -11.78 -15.79
CA HIS B 215 -19.42 -11.08 -14.59
C HIS B 215 -19.77 -11.80 -13.32
N PHE B 216 -18.88 -11.68 -12.33
CA PHE B 216 -19.12 -12.34 -11.07
C PHE B 216 -18.06 -11.97 -10.06
N LEU B 217 -18.25 -12.52 -8.87
CA LEU B 217 -17.33 -12.34 -7.77
C LEU B 217 -17.23 -13.75 -7.22
N GLU B 218 -16.05 -14.16 -6.78
CA GLU B 218 -15.93 -15.47 -6.19
C GLU B 218 -14.89 -15.54 -5.10
N VAL B 219 -15.26 -16.21 -4.01
CA VAL B 219 -14.35 -16.41 -2.88
C VAL B 219 -13.67 -17.72 -3.22
N GLN B 220 -12.35 -17.75 -3.09
CA GLN B 220 -11.59 -18.93 -3.46
C GLN B 220 -10.49 -19.18 -2.44
N TYR B 221 -9.75 -20.25 -2.66
CA TYR B 221 -8.58 -20.50 -1.83
C TYR B 221 -7.49 -20.94 -2.78
N VAL B 222 -6.24 -20.70 -2.38
CA VAL B 222 -5.08 -21.07 -3.17
C VAL B 222 -4.83 -22.56 -2.96
N ASP B 223 -4.92 -23.36 -4.01
CA ASP B 223 -4.67 -24.77 -3.81
C ASP B 223 -3.31 -25.23 -4.31
N GLU B 224 -2.59 -24.34 -4.97
CA GLU B 224 -1.24 -24.68 -5.45
C GLU B 224 -0.38 -23.46 -5.75
N VAL B 225 0.89 -23.53 -5.36
CA VAL B 225 1.84 -22.46 -5.62
C VAL B 225 2.92 -23.03 -6.56
N TYR B 226 3.18 -22.32 -7.67
CA TYR B 226 4.13 -22.77 -8.66
C TYR B 226 5.48 -22.08 -8.65
N ASP B 227 5.51 -20.87 -8.10
CA ASP B 227 6.73 -20.09 -8.05
C ASP B 227 6.80 -19.51 -6.66
N GLU B 228 7.71 -20.04 -5.84
CA GLU B 228 7.79 -19.58 -4.48
C GLU B 228 8.24 -18.14 -4.30
N GLU B 229 9.23 -17.71 -5.08
CA GLU B 229 9.71 -16.34 -4.99
C GLU B 229 8.58 -15.38 -5.35
N ALA B 230 7.84 -15.70 -6.42
CA ALA B 230 6.76 -14.81 -6.84
C ALA B 230 5.57 -14.83 -5.85
N ALA B 231 5.28 -15.97 -5.24
CA ALA B 231 4.16 -16.04 -4.31
C ALA B 231 4.49 -15.27 -3.03
N LEU B 232 5.76 -15.30 -2.63
CA LEU B 232 6.21 -14.58 -1.44
C LEU B 232 6.05 -13.08 -1.69
N ALA B 233 6.48 -12.62 -2.86
CA ALA B 233 6.39 -11.21 -3.23
C ALA B 233 4.96 -10.76 -3.41
N PHE B 234 4.11 -11.62 -3.98
CA PHE B 234 2.70 -11.30 -4.20
C PHE B 234 1.84 -11.45 -2.92
N GLY B 235 2.32 -12.27 -1.98
CA GLY B 235 1.60 -12.51 -0.74
C GLY B 235 0.58 -13.64 -0.87
N LEU B 236 0.96 -14.71 -1.58
CA LEU B 236 0.10 -15.86 -1.76
C LEU B 236 0.73 -17.07 -1.09
N PHE B 237 -0.12 -17.92 -0.50
CA PHE B 237 0.33 -19.14 0.15
C PHE B 237 -0.79 -20.17 0.04
N LYS B 238 -0.40 -21.44 -0.04
CA LYS B 238 -1.39 -22.50 -0.17
C LYS B 238 -2.42 -22.50 0.95
N GLY B 239 -3.70 -22.53 0.60
CA GLY B 239 -4.73 -22.54 1.64
C GLY B 239 -5.30 -21.16 1.92
N GLN B 240 -4.64 -20.13 1.39
CA GLN B 240 -5.09 -18.76 1.57
C GLN B 240 -6.39 -18.47 0.85
N VAL B 241 -7.25 -17.68 1.49
CA VAL B 241 -8.54 -17.30 0.91
C VAL B 241 -8.34 -16.02 0.13
N THR B 242 -8.88 -15.99 -1.09
CA THR B 242 -8.77 -14.82 -1.94
C THR B 242 -10.16 -14.55 -2.47
N VAL B 243 -10.37 -13.38 -3.04
CA VAL B 243 -11.64 -13.00 -3.62
C VAL B 243 -11.38 -12.37 -4.95
N LEU B 244 -11.96 -12.95 -5.98
CA LEU B 244 -11.80 -12.45 -7.32
C LEU B 244 -13.06 -11.73 -7.80
N ILE B 245 -12.88 -10.47 -8.20
CA ILE B 245 -13.96 -9.63 -8.68
C ILE B 245 -13.79 -9.40 -10.18
N HIS B 246 -14.76 -9.87 -10.95
CA HIS B 246 -14.72 -9.75 -12.39
C HIS B 246 -15.87 -8.89 -12.89
N THR B 247 -15.58 -7.65 -13.24
CA THR B 247 -16.62 -6.77 -13.76
C THR B 247 -15.99 -5.55 -14.43
N GLY B 248 -16.79 -4.83 -15.22
CA GLY B 248 -16.27 -3.68 -15.92
C GLY B 248 -16.99 -2.36 -15.78
N SER B 249 -17.14 -1.67 -16.91
CA SER B 249 -17.76 -0.36 -16.96
C SER B 249 -19.30 -0.39 -17.08
N ARG B 250 -19.85 -1.60 -17.02
CA ARG B 250 -21.29 -1.78 -17.05
C ARG B 250 -22.02 -1.08 -18.20
N GLY B 251 -23.17 -0.49 -17.90
CA GLY B 251 -23.94 0.18 -18.93
C GLY B 251 -23.27 1.40 -19.55
N LEU B 252 -22.48 2.11 -18.76
CA LEU B 252 -21.80 3.31 -19.24
C LEU B 252 -20.79 2.98 -20.35
N GLY B 253 -19.93 1.98 -20.11
CA GLY B 253 -18.94 1.62 -21.11
C GLY B 253 -19.54 1.08 -22.39
N HIS B 254 -20.57 0.25 -22.23
CA HIS B 254 -21.24 -0.34 -23.39
C HIS B 254 -21.88 0.72 -24.30
N GLN B 255 -22.47 1.76 -23.72
CA GLN B 255 -23.07 2.82 -24.53
C GLN B 255 -22.00 3.64 -25.22
N VAL B 256 -20.93 3.91 -24.49
CA VAL B 256 -19.84 4.67 -25.04
C VAL B 256 -19.26 3.94 -26.24
N CYS B 257 -19.10 2.61 -26.13
CA CYS B 257 -18.57 1.86 -27.27
C CYS B 257 -19.54 1.95 -28.44
N GLN B 258 -20.83 1.76 -28.16
CA GLN B 258 -21.87 1.81 -29.18
C GLN B 258 -21.92 3.21 -29.85
N ASP B 259 -21.86 4.26 -29.03
CA ASP B 259 -21.88 5.64 -29.53
C ASP B 259 -20.78 5.90 -30.55
N TYR B 260 -19.55 5.53 -30.21
CA TYR B 260 -18.47 5.80 -31.11
C TYR B 260 -18.36 4.88 -32.32
N VAL B 261 -18.77 3.62 -32.18
CA VAL B 261 -18.72 2.72 -33.32
C VAL B 261 -19.63 3.27 -34.44
N GLU B 262 -20.86 3.66 -34.11
CA GLU B 262 -21.75 4.18 -35.15
C GLU B 262 -21.16 5.47 -35.71
N ARG B 263 -20.52 6.25 -34.84
CA ARG B 263 -19.89 7.49 -35.29
C ARG B 263 -18.71 7.16 -36.22
N PHE B 264 -17.94 6.12 -35.87
CA PHE B 264 -16.78 5.74 -36.67
C PHE B 264 -17.11 5.07 -38.00
N LEU B 265 -18.30 4.46 -38.10
CA LEU B 265 -18.73 3.84 -39.34
C LEU B 265 -18.83 4.92 -40.44
N LYS B 266 -19.04 6.16 -40.02
CA LYS B 266 -19.15 7.26 -40.98
C LYS B 266 -17.81 7.97 -41.08
N VAL B 267 -17.11 8.07 -39.96
CA VAL B 267 -15.80 8.73 -39.92
C VAL B 267 -14.74 8.00 -40.75
N ALA B 268 -14.65 6.69 -40.59
CA ALA B 268 -13.68 5.88 -41.29
C ALA B 268 -13.55 6.20 -42.79
N PRO B 269 -14.67 6.18 -43.52
CA PRO B 269 -14.58 6.49 -44.95
C PRO B 269 -14.04 7.92 -45.22
N ARG B 270 -14.40 8.86 -44.36
CA ARG B 270 -13.93 10.25 -44.51
C ARG B 270 -12.43 10.30 -44.59
N TYR B 271 -11.75 9.53 -43.75
CA TYR B 271 -10.29 9.52 -43.74
C TYR B 271 -9.72 8.44 -44.64
N GLY B 272 -10.59 7.82 -45.43
CA GLY B 272 -10.13 6.79 -46.34
C GLY B 272 -9.60 5.55 -45.65
N ILE B 273 -10.13 5.23 -44.48
CA ILE B 273 -9.69 4.03 -43.78
C ILE B 273 -10.55 2.90 -44.29
N GLU B 274 -9.91 1.99 -45.03
CA GLU B 274 -10.57 0.85 -45.61
C GLU B 274 -10.93 -0.16 -44.53
N LEU B 275 -12.20 -0.59 -44.53
CA LEU B 275 -12.68 -1.56 -43.56
C LEU B 275 -13.12 -2.85 -44.26
N VAL B 276 -12.32 -3.90 -44.16
CA VAL B 276 -12.69 -5.17 -44.78
C VAL B 276 -13.86 -5.73 -44.00
N ASP B 277 -13.97 -5.34 -42.74
CA ASP B 277 -15.05 -5.77 -41.87
C ASP B 277 -15.49 -4.48 -41.18
N LYS B 278 -16.74 -4.06 -41.42
CA LYS B 278 -17.25 -2.82 -40.82
C LYS B 278 -17.12 -2.77 -39.30
N GLN B 279 -17.14 -3.93 -38.65
CA GLN B 279 -17.00 -3.97 -37.20
C GLN B 279 -15.63 -3.42 -36.78
N LEU B 280 -14.73 -3.27 -37.75
CA LEU B 280 -13.39 -2.72 -37.51
C LEU B 280 -13.40 -1.18 -37.44
N ALA B 281 -14.56 -0.56 -37.61
CA ALA B 281 -14.70 0.90 -37.60
C ALA B 281 -13.66 1.58 -36.71
N ALA B 282 -12.85 2.45 -37.31
CA ALA B 282 -11.79 3.15 -36.59
C ALA B 282 -11.58 4.57 -37.11
N ALA B 283 -10.90 5.39 -36.31
CA ALA B 283 -10.61 6.76 -36.69
C ALA B 283 -9.13 7.02 -36.40
N PRO B 284 -8.52 7.98 -37.10
CA PRO B 284 -7.11 8.26 -36.86
C PRO B 284 -6.94 8.68 -35.40
N ILE B 285 -5.91 8.18 -34.74
CA ILE B 285 -5.64 8.54 -33.35
C ILE B 285 -5.58 10.05 -33.19
N LYS B 286 -4.93 10.74 -34.14
CA LYS B 286 -4.78 12.18 -34.06
C LYS B 286 -5.99 13.02 -34.44
N SER B 287 -6.98 12.39 -35.07
CA SER B 287 -8.19 13.12 -35.48
C SER B 287 -9.03 13.52 -34.25
N PRO B 288 -9.91 14.52 -34.40
CA PRO B 288 -10.75 14.95 -33.27
C PRO B 288 -11.62 13.80 -32.78
N GLU B 289 -12.20 13.05 -33.73
CA GLU B 289 -13.07 11.92 -33.41
C GLU B 289 -12.32 10.82 -32.64
N GLY B 290 -11.12 10.50 -33.10
CA GLY B 290 -10.31 9.49 -32.45
C GLY B 290 -9.95 9.94 -31.04
N GLN B 291 -9.68 11.24 -30.88
CA GLN B 291 -9.33 11.82 -29.57
C GLN B 291 -10.56 11.80 -28.69
N ASP B 292 -11.73 12.03 -29.30
CA ASP B 292 -12.99 12.04 -28.56
C ASP B 292 -13.25 10.64 -27.98
N TYR B 293 -13.05 9.61 -28.78
CA TYR B 293 -13.29 8.27 -28.29
C TYR B 293 -12.32 7.92 -27.16
N LEU B 294 -11.05 8.23 -27.36
CA LEU B 294 -10.03 7.94 -26.35
C LEU B 294 -10.31 8.59 -25.01
N GLN B 295 -10.88 9.80 -25.04
CA GLN B 295 -11.19 10.51 -23.80
C GLN B 295 -12.43 9.91 -23.17
N ALA B 296 -13.41 9.53 -24.00
CA ALA B 296 -14.63 8.93 -23.47
C ALA B 296 -14.30 7.51 -22.95
N ALA B 298 -11.36 6.48 -21.73
CA ALA B 298 -10.62 6.66 -20.49
C ALA B 298 -11.57 6.97 -19.34
N ALA B 299 -12.67 7.68 -19.63
CA ALA B 299 -13.66 7.99 -18.59
C ALA B 299 -14.39 6.72 -18.18
N ALA B 300 -14.75 5.91 -19.18
CA ALA B 300 -15.44 4.65 -18.93
C ALA B 300 -14.54 3.70 -18.15
N ALA B 301 -13.24 3.71 -18.46
CA ALA B 301 -12.30 2.83 -17.78
C ALA B 301 -12.15 3.24 -16.31
N ASN B 302 -12.12 4.54 -16.05
CA ASN B 302 -11.99 5.05 -14.68
C ASN B 302 -13.24 4.65 -13.90
N PHE B 303 -14.37 4.58 -14.59
CA PHE B 303 -15.61 4.19 -13.94
C PHE B 303 -15.45 2.72 -13.56
N ALA B 304 -14.96 1.90 -14.50
CA ALA B 304 -14.75 0.48 -14.22
C ALA B 304 -13.83 0.32 -13.00
N PHE B 305 -12.74 1.09 -12.97
CA PHE B 305 -11.83 1.01 -11.83
C PHE B 305 -12.59 1.33 -10.51
N ALA B 306 -13.41 2.37 -10.52
CA ALA B 306 -14.19 2.75 -9.32
C ALA B 306 -15.20 1.66 -8.95
N ASN B 307 -15.80 1.06 -9.97
CA ASN B 307 -16.77 0.01 -9.74
C ASN B 307 -16.13 -1.13 -8.96
N ARG B 308 -14.98 -1.61 -9.44
CA ARG B 308 -14.30 -2.72 -8.76
C ARG B 308 -13.85 -2.31 -7.35
N GLN B 309 -13.45 -1.05 -7.20
CA GLN B 309 -13.04 -0.55 -5.89
C GLN B 309 -14.23 -0.57 -4.91
N LEU B 310 -15.41 -0.18 -5.39
CA LEU B 310 -16.59 -0.15 -4.53
C LEU B 310 -16.99 -1.55 -4.13
N ILE B 311 -17.04 -2.45 -5.11
CA ILE B 311 -17.40 -3.84 -4.83
C ILE B 311 -16.40 -4.42 -3.82
N ALA B 312 -15.13 -4.04 -3.95
CA ALA B 312 -14.11 -4.49 -3.02
C ALA B 312 -14.50 -4.02 -1.61
N HIS B 313 -14.99 -2.79 -1.53
CA HIS B 313 -15.43 -2.26 -0.24
C HIS B 313 -16.57 -3.13 0.31
N PHE B 314 -17.56 -3.43 -0.54
CA PHE B 314 -18.69 -4.24 -0.08
C PHE B 314 -18.23 -5.62 0.36
N VAL B 315 -17.26 -6.19 -0.35
CA VAL B 315 -16.74 -7.51 0.02
C VAL B 315 -16.25 -7.50 1.45
N ARG B 316 -15.41 -6.53 1.79
CA ARG B 316 -14.89 -6.45 3.16
C ARG B 316 -16.03 -6.36 4.18
N GLU B 317 -17.04 -5.57 3.88
CA GLU B 317 -18.18 -5.44 4.79
C GLU B 317 -18.85 -6.79 4.99
N ALA B 318 -18.97 -7.56 3.92
CA ALA B 318 -19.60 -8.87 4.03
C ALA B 318 -18.82 -9.81 4.94
N PHE B 319 -17.48 -9.81 4.79
CA PHE B 319 -16.64 -10.66 5.62
C PHE B 319 -16.80 -10.21 7.08
N GLU B 320 -16.86 -8.90 7.28
CA GLU B 320 -17.02 -8.35 8.61
C GLU B 320 -18.40 -8.70 9.16
N LYS B 321 -19.41 -8.68 8.29
CA LYS B 321 -20.76 -9.03 8.70
C LYS B 321 -20.79 -10.43 9.31
N VAL B 322 -20.18 -11.41 8.65
CA VAL B 322 -20.20 -12.77 9.16
C VAL B 322 -19.21 -13.03 10.31
N GLY B 323 -18.54 -11.99 10.80
CA GLY B 323 -17.64 -12.23 11.91
C GLY B 323 -16.14 -12.12 11.71
N PHE B 324 -15.66 -11.85 10.49
CA PHE B 324 -14.22 -11.70 10.30
C PHE B 324 -13.91 -10.22 10.38
N THR B 325 -13.30 -9.79 11.47
CA THR B 325 -12.96 -8.38 11.67
C THR B 325 -11.85 -7.94 10.74
N PRO B 326 -11.69 -6.62 10.54
CA PRO B 326 -10.62 -6.15 9.64
C PRO B 326 -9.26 -6.80 9.94
N ARG B 327 -8.92 -6.99 11.21
CA ARG B 327 -7.63 -7.60 11.53
C ARG B 327 -7.64 -9.09 11.25
N ASP B 328 -8.82 -9.70 11.25
CA ASP B 328 -8.93 -11.12 10.95
C ASP B 328 -8.76 -11.37 9.45
N HIS B 329 -9.53 -10.65 8.64
CA HIS B 329 -9.49 -10.92 7.20
C HIS B 329 -8.36 -10.30 6.40
N GLY B 330 -7.91 -9.13 6.82
CA GLY B 330 -6.82 -8.44 6.15
C GLY B 330 -6.90 -8.47 4.63
N LEU B 331 -8.10 -8.25 4.09
CA LEU B 331 -8.31 -8.27 2.64
C LEU B 331 -7.63 -7.13 1.89
N ARG B 332 -6.44 -7.39 1.33
CA ARG B 332 -5.73 -6.35 0.61
C ARG B 332 -5.86 -6.55 -0.89
N VAL B 333 -5.71 -5.47 -1.65
CA VAL B 333 -5.76 -5.60 -3.09
C VAL B 333 -4.40 -6.17 -3.48
N LEU B 334 -4.37 -7.35 -4.11
CA LEU B 334 -3.09 -7.92 -4.51
C LEU B 334 -2.77 -7.16 -5.80
N TYR B 335 -3.77 -7.10 -6.68
CA TYR B 335 -3.64 -6.36 -7.94
C TYR B 335 -5.01 -6.26 -8.60
N ASP B 336 -5.14 -5.37 -9.57
CA ASP B 336 -6.40 -5.16 -10.28
C ASP B 336 -5.96 -4.70 -11.67
N LEU B 337 -6.45 -5.34 -12.72
CA LEU B 337 -6.08 -4.93 -14.08
C LEU B 337 -7.19 -5.21 -15.08
N ALA B 338 -7.12 -4.48 -16.19
CA ALA B 338 -8.07 -4.56 -17.27
C ALA B 338 -7.89 -5.78 -18.16
N HIS B 339 -8.98 -6.17 -18.80
CA HIS B 339 -8.96 -7.27 -19.76
C HIS B 339 -9.32 -6.67 -21.11
N ASN B 340 -9.93 -5.48 -21.11
CA ASN B 340 -10.33 -4.75 -22.33
C ASN B 340 -9.91 -3.31 -22.19
N ASN B 341 -9.04 -2.82 -23.07
CA ASN B 341 -8.60 -1.44 -22.96
C ASN B 341 -7.56 -1.09 -24.00
N ALA B 342 -7.46 0.21 -24.32
CA ALA B 342 -6.44 0.67 -25.26
C ALA B 342 -5.58 1.66 -24.48
N LYS B 343 -4.27 1.46 -24.50
CA LYS B 343 -3.42 2.37 -23.77
C LYS B 343 -2.12 2.74 -24.47
N PHE B 344 -1.70 3.98 -24.26
CA PHE B 344 -0.48 4.50 -24.84
C PHE B 344 0.66 3.97 -23.98
N GLU B 345 1.60 3.29 -24.61
CA GLU B 345 2.72 2.72 -23.89
C GLU B 345 3.99 2.82 -24.70
N GLU B 346 5.12 2.72 -24.02
CA GLU B 346 6.42 2.77 -24.66
C GLU B 346 6.88 1.36 -25.02
N HIS B 347 7.05 1.10 -26.31
CA HIS B 347 7.51 -0.21 -26.74
C HIS B 347 8.61 -0.05 -27.79
N ARG B 348 9.78 -0.59 -27.49
CA ARG B 348 10.92 -0.48 -28.38
C ARG B 348 11.15 0.99 -28.75
N GLY B 349 11.24 1.82 -27.72
CA GLY B 349 11.45 3.25 -27.92
C GLY B 349 10.38 4.01 -28.68
N ARG B 350 9.20 3.44 -28.83
CA ARG B 350 8.10 4.10 -29.55
C ARG B 350 6.82 4.14 -28.75
N ARG B 351 6.18 5.31 -28.75
CA ARG B 351 4.91 5.48 -28.06
C ARG B 351 3.86 4.96 -29.02
N VAL B 352 3.17 3.90 -28.59
CA VAL B 352 2.11 3.31 -29.39
C VAL B 352 0.87 3.16 -28.54
N LEU B 353 -0.26 3.02 -29.23
CA LEU B 353 -1.55 2.83 -28.60
C LEU B 353 -1.84 1.33 -28.71
N VAL B 354 -1.80 0.64 -27.57
CA VAL B 354 -2.03 -0.79 -27.55
C VAL B 354 -3.47 -1.14 -27.20
N HIS B 355 -4.17 -1.73 -28.16
CA HIS B 355 -5.54 -2.19 -28.01
C HIS B 355 -5.45 -3.62 -27.48
N ARG B 356 -6.11 -3.88 -26.38
CA ARG B 356 -6.13 -5.23 -25.85
C ARG B 356 -7.58 -5.56 -25.58
N LYS B 357 -8.13 -6.50 -26.34
CA LYS B 357 -9.50 -6.95 -26.13
C LYS B 357 -9.43 -8.38 -25.65
N GLY B 358 -9.79 -8.59 -24.39
CA GLY B 358 -9.73 -9.94 -23.84
C GLY B 358 -8.29 -10.40 -23.70
N ALA B 359 -7.39 -9.48 -23.37
CA ALA B 359 -5.98 -9.81 -23.16
C ALA B 359 -5.50 -8.82 -22.12
N THR B 360 -4.45 -9.17 -21.42
CA THR B 360 -3.93 -8.32 -20.36
C THR B 360 -2.57 -7.72 -20.61
N ARG B 361 -2.31 -6.63 -19.90
CA ARG B 361 -1.03 -6.00 -19.93
C ARG B 361 -0.30 -6.92 -18.97
N ALA B 362 0.98 -7.16 -19.21
CA ALA B 362 1.70 -8.05 -18.34
C ALA B 362 3.17 -7.65 -18.38
N PHE B 363 3.47 -6.53 -17.72
CA PHE B 363 4.84 -6.02 -17.67
C PHE B 363 5.72 -6.95 -16.86
N GLY B 364 7.00 -7.02 -17.26
CA GLY B 364 7.93 -7.92 -16.60
C GLY B 364 8.80 -7.33 -15.51
N PRO B 365 9.70 -8.14 -14.94
CA PRO B 365 10.60 -7.70 -13.86
C PRO B 365 11.28 -6.35 -14.15
N GLY B 366 11.52 -5.58 -13.10
CA GLY B 366 12.17 -4.28 -13.24
C GLY B 366 11.39 -3.15 -13.87
N HIS B 367 10.15 -3.39 -14.32
CA HIS B 367 9.38 -2.33 -14.96
C HIS B 367 8.93 -1.30 -13.93
N PRO B 368 9.19 -0.01 -14.21
CA PRO B 368 8.82 1.10 -13.31
C PRO B 368 7.33 1.14 -12.95
N GLU B 369 6.47 0.71 -13.89
CA GLU B 369 5.03 0.71 -13.66
C GLU B 369 4.53 -0.40 -12.74
N VAL B 370 5.39 -1.36 -12.42
CA VAL B 370 5.04 -2.47 -11.54
C VAL B 370 5.29 -2.06 -10.08
N PRO B 371 4.32 -2.33 -9.18
CA PRO B 371 4.52 -1.95 -7.78
C PRO B 371 5.87 -2.44 -7.30
N GLU B 372 6.51 -1.63 -6.48
CA GLU B 372 7.82 -1.95 -5.96
C GLU B 372 7.97 -3.37 -5.42
N GLU B 373 7.02 -3.79 -4.58
CA GLU B 373 7.07 -5.11 -3.96
C GLU B 373 7.05 -6.27 -4.94
N TYR B 374 6.57 -6.02 -6.16
CA TYR B 374 6.44 -7.05 -7.19
C TYR B 374 7.47 -6.87 -8.32
N ARG B 375 8.19 -5.76 -8.30
CA ARG B 375 9.11 -5.44 -9.38
C ARG B 375 10.20 -6.48 -9.72
N ARG B 376 10.66 -7.24 -8.76
CA ARG B 376 11.68 -8.26 -9.00
C ARG B 376 11.12 -9.47 -9.76
N VAL B 377 9.88 -9.84 -9.45
CA VAL B 377 9.27 -11.00 -10.08
C VAL B 377 8.38 -10.70 -11.30
N GLY B 378 7.91 -9.45 -11.42
CA GLY B 378 7.06 -9.07 -12.54
C GLY B 378 5.61 -8.78 -12.12
N GLN B 379 4.86 -8.10 -12.99
CA GLN B 379 3.46 -7.73 -12.73
C GLN B 379 2.49 -8.90 -12.60
N PRO B 380 1.60 -8.86 -11.59
CA PRO B 380 0.64 -9.97 -11.45
C PRO B 380 -0.30 -9.98 -12.66
N VAL B 381 -0.65 -11.16 -13.15
CA VAL B 381 -1.56 -11.34 -14.28
C VAL B 381 -2.70 -12.20 -13.69
N LEU B 382 -3.90 -11.65 -13.63
CA LEU B 382 -5.04 -12.36 -13.06
C LEU B 382 -5.83 -13.06 -14.17
N VAL B 383 -5.89 -14.38 -14.10
CA VAL B 383 -6.56 -15.18 -15.13
C VAL B 383 -7.72 -15.98 -14.56
N PRO B 384 -8.94 -15.42 -14.64
CA PRO B 384 -10.11 -16.12 -14.13
C PRO B 384 -10.58 -17.28 -15.00
N GLY B 385 -11.08 -18.34 -14.38
CA GLY B 385 -11.60 -19.45 -15.15
C GLY B 385 -13.10 -19.21 -15.18
N ASP B 386 -13.86 -19.97 -15.96
CA ASP B 386 -15.30 -19.75 -15.95
C ASP B 386 -15.74 -20.09 -14.54
N GLY B 388 -16.72 -21.32 -11.06
CA GLY B 388 -16.62 -22.67 -10.54
C GLY B 388 -15.37 -23.41 -10.98
N ARG B 389 -14.70 -22.90 -12.00
CA ARG B 389 -13.49 -23.52 -12.52
C ARG B 389 -12.26 -22.82 -11.94
N TYR B 390 -11.10 -23.46 -12.01
CA TYR B 390 -9.88 -22.87 -11.49
C TYR B 390 -9.53 -21.54 -12.15
N SER B 391 -8.90 -20.65 -11.37
CA SER B 391 -8.42 -19.36 -11.86
C SER B 391 -6.90 -19.41 -11.60
N TYR B 392 -6.13 -18.54 -12.25
CA TYR B 392 -4.68 -18.53 -12.03
C TYR B 392 -4.11 -17.15 -11.83
N VAL B 393 -2.95 -17.12 -11.19
CA VAL B 393 -2.22 -15.88 -11.04
C VAL B 393 -0.92 -16.16 -11.76
N LEU B 394 -0.57 -15.31 -12.72
CA LEU B 394 0.67 -15.47 -13.47
C LEU B 394 1.48 -14.19 -13.17
N ALA B 395 2.68 -14.13 -13.72
CA ALA B 395 3.54 -12.97 -13.57
C ALA B 395 4.10 -12.59 -14.94
N GLY B 396 4.20 -11.30 -15.21
CA GLY B 396 4.74 -10.82 -16.47
C GLY B 396 6.21 -11.17 -16.64
N THR B 397 6.64 -11.33 -17.89
CA THR B 397 8.02 -11.69 -18.17
C THR B 397 8.69 -10.64 -19.03
N GLU B 398 10.02 -10.66 -19.01
CA GLU B 398 10.83 -9.75 -19.82
C GLU B 398 10.56 -10.15 -21.26
N LYS B 399 10.44 -11.45 -21.52
CA LYS B 399 10.21 -11.89 -22.89
C LYS B 399 8.94 -11.34 -23.52
N ALA B 400 7.91 -11.13 -22.71
CA ALA B 400 6.67 -10.59 -23.22
C ALA B 400 6.90 -9.18 -23.76
N GLU B 402 9.19 -8.19 -25.42
CA GLU B 402 9.62 -8.24 -26.82
C GLU B 402 8.70 -8.93 -27.82
N VAL B 403 7.99 -9.98 -27.43
CA VAL B 403 7.14 -10.65 -28.41
C VAL B 403 5.65 -10.36 -28.39
N SER B 404 5.11 -9.75 -27.34
CA SER B 404 3.67 -9.51 -27.32
C SER B 404 3.29 -8.12 -26.81
N PHE B 405 4.17 -7.16 -27.05
CA PHE B 405 3.98 -5.80 -26.57
C PHE B 405 3.64 -5.86 -25.08
N GLY B 406 4.40 -6.70 -24.36
CA GLY B 406 4.23 -6.87 -22.93
C GLY B 406 2.82 -7.26 -22.50
N SER B 407 2.23 -8.21 -23.23
CA SER B 407 0.87 -8.65 -22.97
C SER B 407 0.81 -10.16 -22.65
N SER B 408 -0.31 -10.57 -22.06
CA SER B 408 -0.54 -11.96 -21.71
C SER B 408 -2.03 -12.30 -21.88
N CYS B 409 -2.45 -13.49 -21.47
CA CYS B 409 -3.84 -13.90 -21.62
C CYS B 409 -4.76 -13.36 -20.51
N HIS B 410 -6.06 -13.56 -20.68
CA HIS B 410 -7.00 -13.14 -19.66
C HIS B 410 -7.81 -14.30 -19.06
N GLY B 411 -8.29 -15.22 -19.88
CA GLY B 411 -9.06 -16.33 -19.35
C GLY B 411 -8.32 -17.65 -19.35
N ALA B 412 -8.68 -18.55 -18.42
CA ALA B 412 -8.02 -19.85 -18.31
C ALA B 412 -8.56 -20.95 -19.24
N GLY B 413 -9.65 -20.67 -19.94
CA GLY B 413 -10.20 -21.69 -20.82
C GLY B 413 -10.79 -21.10 -22.09
N ARG B 414 -11.21 -21.97 -23.00
CA ARG B 414 -11.81 -21.53 -24.27
C ARG B 414 -12.86 -22.53 -24.71
N ASN B 429 -29.43 -25.94 -13.35
CA ASN B 429 -28.64 -26.89 -14.13
C ASN B 429 -27.15 -26.71 -13.83
N LEU B 430 -26.85 -25.84 -12.88
CA LEU B 430 -25.46 -25.58 -12.50
C LEU B 430 -25.43 -24.97 -11.11
N VAL B 431 -26.42 -24.14 -10.81
CA VAL B 431 -26.53 -23.48 -9.52
C VAL B 431 -26.57 -24.54 -8.42
N LYS B 432 -26.94 -25.76 -8.78
CA LYS B 432 -27.03 -26.84 -7.82
C LYS B 432 -26.02 -27.96 -8.06
N GLU B 433 -25.50 -28.05 -9.28
CA GLU B 433 -24.52 -29.09 -9.57
C GLU B 433 -23.20 -28.71 -8.91
N LEU B 434 -23.00 -27.41 -8.74
CA LEU B 434 -21.79 -26.91 -8.10
C LEU B 434 -21.87 -27.16 -6.60
N ALA B 435 -23.08 -27.04 -6.05
CA ALA B 435 -23.28 -27.26 -4.63
C ALA B 435 -22.87 -28.68 -4.27
N GLU B 436 -23.07 -29.59 -5.23
CA GLU B 436 -22.71 -30.99 -5.03
C GLU B 436 -21.19 -31.13 -4.94
N ARG B 437 -20.47 -30.05 -5.27
CA ARG B 437 -19.01 -30.06 -5.22
C ARG B 437 -18.50 -29.17 -4.09
N GLY B 438 -19.42 -28.67 -3.25
CA GLY B 438 -19.03 -27.82 -2.14
C GLY B 438 -18.77 -26.38 -2.53
N ILE B 439 -19.29 -26.00 -3.70
CA ILE B 439 -19.14 -24.63 -4.21
C ILE B 439 -20.50 -23.97 -4.17
N LEU B 440 -20.67 -22.99 -3.30
CA LEU B 440 -21.94 -22.30 -3.16
C LEU B 440 -22.11 -21.16 -4.16
N VAL B 441 -23.25 -21.15 -4.84
CA VAL B 441 -23.55 -20.14 -5.83
C VAL B 441 -24.70 -19.28 -5.30
N ARG B 442 -24.65 -18.01 -5.62
CA ARG B 442 -25.66 -17.03 -5.21
C ARG B 442 -25.92 -16.16 -6.42
N ALA B 443 -26.90 -16.57 -7.23
CA ALA B 443 -27.27 -15.82 -8.42
C ALA B 443 -28.62 -15.18 -8.19
N ALA B 444 -28.82 -13.98 -8.74
CA ALA B 444 -30.07 -13.27 -8.58
C ALA B 444 -31.12 -13.86 -9.52
N THR B 445 -30.66 -14.76 -10.40
CA THR B 445 -31.54 -15.41 -11.37
C THR B 445 -31.28 -16.91 -11.42
N ASP B 459 -8.54 -30.66 -13.83
CA ASP B 459 -8.43 -29.44 -14.61
C ASP B 459 -6.99 -28.94 -14.73
N VAL B 460 -6.64 -28.52 -15.94
CA VAL B 460 -5.33 -27.97 -16.26
C VAL B 460 -5.66 -27.03 -17.40
N SER B 461 -5.17 -25.80 -17.34
CA SER B 461 -5.50 -24.85 -18.38
C SER B 461 -4.57 -24.89 -19.58
N LEU B 462 -5.15 -25.23 -20.73
CA LEU B 462 -4.38 -25.29 -21.97
C LEU B 462 -3.92 -23.88 -22.32
N VAL B 463 -4.75 -22.89 -22.01
CA VAL B 463 -4.41 -21.51 -22.30
C VAL B 463 -3.20 -21.06 -21.49
N VAL B 464 -3.21 -21.34 -20.18
CA VAL B 464 -2.11 -20.97 -19.32
C VAL B 464 -0.83 -21.74 -19.73
N GLU B 465 -1.01 -23.00 -20.11
CA GLU B 465 0.10 -23.82 -20.53
C GLU B 465 0.79 -23.21 -21.76
N ALA B 466 -0.01 -22.84 -22.76
CA ALA B 466 0.49 -22.24 -23.99
C ALA B 466 1.19 -20.91 -23.68
N VAL B 467 0.54 -20.08 -22.87
CA VAL B 467 1.10 -18.81 -22.50
C VAL B 467 2.44 -18.92 -21.78
N GLU B 468 2.55 -19.82 -20.80
CA GLU B 468 3.81 -19.95 -20.10
C GLU B 468 4.90 -20.52 -21.01
N GLY B 469 4.57 -21.57 -21.77
CA GLY B 469 5.56 -22.16 -22.67
C GLY B 469 6.04 -21.20 -23.75
N ALA B 470 5.17 -20.26 -24.15
CA ALA B 470 5.56 -19.29 -25.16
C ALA B 470 6.43 -18.23 -24.48
N GLY B 471 6.50 -18.27 -23.15
CA GLY B 471 7.31 -17.33 -22.41
C GLY B 471 6.68 -15.98 -22.07
N ILE B 472 5.37 -15.88 -22.09
CA ILE B 472 4.72 -14.61 -21.80
C ILE B 472 3.78 -14.66 -20.57
N GLY B 473 4.07 -15.56 -19.64
CA GLY B 473 3.25 -15.64 -18.45
C GLY B 473 3.66 -16.79 -17.55
N LYS B 474 4.48 -16.47 -16.55
CA LYS B 474 4.97 -17.45 -15.59
C LYS B 474 3.89 -17.79 -14.53
N LYS B 475 3.64 -19.08 -14.32
CA LYS B 475 2.63 -19.48 -13.34
C LYS B 475 3.07 -19.19 -11.91
N VAL B 476 2.17 -18.66 -11.10
CA VAL B 476 2.50 -18.36 -9.71
C VAL B 476 1.61 -19.16 -8.79
N ALA B 477 0.30 -19.13 -9.03
CA ALA B 477 -0.61 -19.90 -8.19
C ALA B 477 -1.92 -20.25 -8.89
N ARG B 478 -2.62 -21.26 -8.36
CA ARG B 478 -3.91 -21.67 -8.89
C ARG B 478 -4.92 -21.42 -7.76
N LEU B 479 -6.09 -20.94 -8.12
CA LEU B 479 -7.12 -20.60 -7.16
C LEU B 479 -8.35 -21.46 -7.41
N ARG B 480 -8.90 -22.06 -6.35
CA ARG B 480 -10.10 -22.88 -6.51
C ARG B 480 -11.31 -22.18 -5.90
N PRO B 481 -12.42 -22.16 -6.63
CA PRO B 481 -13.66 -21.51 -6.18
C PRO B 481 -14.37 -22.16 -4.99
N LEU B 482 -14.89 -21.32 -4.09
CA LEU B 482 -15.63 -21.79 -2.91
C LEU B 482 -17.05 -21.20 -2.93
N ILE B 483 -17.16 -19.94 -3.32
CA ILE B 483 -18.43 -19.25 -3.40
C ILE B 483 -18.46 -18.40 -4.67
N VAL B 484 -19.60 -18.41 -5.36
CA VAL B 484 -19.74 -17.64 -6.57
C VAL B 484 -20.97 -16.74 -6.50
N VAL B 485 -20.77 -15.43 -6.60
CA VAL B 485 -21.89 -14.50 -6.60
C VAL B 485 -21.98 -14.00 -8.04
N LYS B 486 -23.13 -14.23 -8.67
CA LYS B 486 -23.31 -13.86 -10.06
C LYS B 486 -24.62 -13.14 -10.31
N GLY B 487 -24.66 -12.35 -11.37
CA GLY B 487 -25.87 -11.61 -11.69
C GLY B 487 -27.11 -12.47 -11.88
#